data_1YIA
#
_entry.id   1YIA
#
_cell.length_a   212.2
_cell.length_b   58.4
_cell.length_c   86.8
_cell.angle_alpha   90
_cell.angle_beta   96.5
_cell.angle_gamma   90
#
_symmetry.space_group_name_H-M   'C 1 2 1'
#
loop_
_entity.id
_entity.type
_entity.pdbx_description
1 polymer 'tryptophanyl-tRNA synthetase'
2 non-polymer 5-HYDROXY-L-TRYPTOPHAN
#
_entity_poly.entity_id   1
_entity_poly.type   'polypeptide(L)'
_entity_poly.pdbx_seq_one_letter_code
;MPFVDLEVPTMTTPTPAATPARPRVLTGDRPTGALHLGHLAGSLQNRVRLQDEAELFVLLADVQALTDHFDRPEQVRENV
LAVALDYLAAGLDPQKTTCVVQSAVPELAELTVYFLNLVTVSHLRQNPTVKAEIAQKGYGERVPAGFFVYPVSQAADIAA
FGATLVPVGDDQLPMLEQTREIVRRFNALYAPVLAEPQAQLSRVPRLPGLDGQAKMSKSLGNAIALGDSADEVARKVMGM
YTDPGHLRASDPGRVEGNPVFTFLDAFDPDPARVQALKDQYRAGGLGDVKVKKHLIDVLNGVLAPIRTRRAEYERDPDAV
LRFVTEGTARGREVAAQTLGQVRRAMRLFGH
;
_entity_poly.pdbx_strand_id   B,A,C
#
# COMPACT_ATOMS: atom_id res chain seq x y z
N ALA A 21 -15.99 -1.91 -25.36
CA ALA A 21 -14.95 -1.46 -24.39
C ALA A 21 -15.23 -0.08 -23.77
N ARG A 22 -14.38 0.32 -22.83
CA ARG A 22 -14.52 1.61 -22.16
C ARG A 22 -13.24 1.92 -21.37
N PRO A 23 -13.10 1.38 -20.14
CA PRO A 23 -11.85 1.69 -19.42
C PRO A 23 -10.65 0.81 -19.85
N ARG A 24 -9.42 1.27 -19.61
CA ARG A 24 -8.25 0.46 -19.95
C ARG A 24 -7.96 -0.35 -18.72
N VAL A 25 -7.86 -1.66 -18.88
CA VAL A 25 -7.59 -2.55 -17.75
C VAL A 25 -6.26 -3.28 -17.93
N LEU A 26 -5.45 -3.28 -16.88
CA LEU A 26 -4.17 -3.96 -16.92
C LEU A 26 -4.13 -5.15 -15.96
N THR A 27 -3.83 -6.32 -16.49
CA THR A 27 -3.71 -7.52 -15.68
C THR A 27 -2.46 -8.23 -16.17
N GLY A 28 -1.98 -9.18 -15.38
CA GLY A 28 -0.79 -9.89 -15.81
C GLY A 28 -0.32 -10.98 -14.86
N ASP A 29 0.72 -11.68 -15.30
CA ASP A 29 1.28 -12.76 -14.51
C ASP A 29 2.78 -12.81 -14.72
N ARG A 30 3.48 -13.30 -13.72
CA ARG A 30 4.92 -13.46 -13.75
C ARG A 30 5.18 -14.80 -14.46
N PRO A 31 5.69 -14.76 -15.69
CA PRO A 31 5.96 -15.99 -16.44
C PRO A 31 6.97 -16.89 -15.74
N THR A 32 6.50 -17.82 -14.94
CA THR A 32 7.41 -18.71 -14.25
C THR A 32 7.00 -20.16 -14.48
N GLY A 33 5.94 -20.37 -15.27
CA GLY A 33 5.46 -21.72 -15.53
C GLY A 33 3.98 -21.76 -15.91
N ALA A 34 3.44 -22.93 -16.26
CA ALA A 34 2.04 -23.01 -16.66
C ALA A 34 1.06 -22.45 -15.63
N LEU A 35 -0.06 -21.90 -16.12
CA LEU A 35 -1.07 -21.36 -15.22
C LEU A 35 -1.89 -22.50 -14.66
N HIS A 36 -2.49 -22.29 -13.50
CA HIS A 36 -3.31 -23.33 -12.90
C HIS A 36 -4.71 -22.84 -12.55
N LEU A 37 -5.45 -23.68 -11.84
CA LEU A 37 -6.83 -23.38 -11.44
C LEU A 37 -6.97 -22.06 -10.68
N GLY A 38 -5.95 -21.73 -9.90
CA GLY A 38 -5.98 -20.52 -9.12
C GLY A 38 -6.08 -19.31 -9.99
N HIS A 39 -5.34 -19.31 -11.08
CA HIS A 39 -5.39 -18.18 -11.95
C HIS A 39 -6.77 -18.08 -12.54
N LEU A 40 -7.35 -19.23 -12.82
CA LEU A 40 -8.66 -19.26 -13.41
C LEU A 40 -9.63 -18.49 -12.56
N ALA A 41 -9.96 -19.04 -11.40
CA ALA A 41 -10.91 -18.38 -10.53
C ALA A 41 -10.29 -17.11 -9.95
N GLY A 42 -8.96 -17.03 -10.04
CA GLY A 42 -8.28 -15.87 -9.53
C GLY A 42 -8.49 -14.65 -10.42
N SER A 43 -8.59 -14.88 -11.72
CA SER A 43 -8.80 -13.75 -12.60
C SER A 43 -9.14 -14.16 -14.01
N LEU A 44 -8.39 -15.13 -14.56
CA LEU A 44 -8.58 -15.56 -15.95
C LEU A 44 -10.00 -15.49 -16.49
N GLN A 45 -10.94 -16.11 -15.78
CA GLN A 45 -12.32 -16.06 -16.25
C GLN A 45 -12.86 -14.66 -16.09
N ASN A 46 -12.31 -13.92 -15.13
CA ASN A 46 -12.75 -12.55 -14.89
C ASN A 46 -12.40 -11.64 -16.06
N ARG A 47 -11.17 -11.75 -16.55
CA ARG A 47 -10.78 -10.92 -17.66
C ARG A 47 -11.52 -11.44 -18.90
N VAL A 48 -11.77 -12.75 -18.94
CA VAL A 48 -12.46 -13.33 -20.10
C VAL A 48 -13.68 -12.47 -20.37
N ARG A 49 -14.39 -12.13 -19.31
CA ARG A 49 -15.60 -11.36 -19.43
C ARG A 49 -15.36 -9.88 -19.51
N LEU A 50 -14.29 -9.41 -18.89
CA LEU A 50 -14.08 -7.99 -18.95
C LEU A 50 -13.36 -7.69 -20.25
N GLN A 51 -13.15 -8.76 -21.00
CA GLN A 51 -12.47 -8.64 -22.27
C GLN A 51 -13.28 -7.91 -23.36
N ASP A 52 -14.60 -7.84 -23.21
CA ASP A 52 -15.46 -7.16 -24.18
C ASP A 52 -16.16 -5.99 -23.49
N GLU A 53 -15.91 -5.89 -22.20
CA GLU A 53 -16.51 -4.82 -21.45
C GLU A 53 -15.50 -3.72 -21.27
N ALA A 54 -14.32 -3.92 -21.85
CA ALA A 54 -13.26 -2.93 -21.75
C ALA A 54 -12.05 -3.25 -22.63
N GLU A 55 -11.05 -2.37 -22.58
CA GLU A 55 -9.83 -2.55 -23.35
C GLU A 55 -8.95 -3.31 -22.38
N LEU A 56 -8.75 -4.60 -22.61
CA LEU A 56 -7.95 -5.42 -21.70
C LEU A 56 -6.51 -5.63 -22.14
N PHE A 57 -5.56 -5.34 -21.26
CA PHE A 57 -4.15 -5.52 -21.58
C PHE A 57 -3.60 -6.58 -20.67
N VAL A 58 -2.91 -7.55 -21.22
CA VAL A 58 -2.35 -8.59 -20.36
C VAL A 58 -0.85 -8.55 -20.53
N LEU A 59 -0.18 -8.22 -19.43
CA LEU A 59 1.27 -8.13 -19.42
C LEU A 59 1.95 -9.40 -18.91
N LEU A 60 2.86 -9.94 -19.71
CA LEU A 60 3.62 -11.10 -19.31
C LEU A 60 4.81 -10.48 -18.58
N ALA A 61 4.71 -10.39 -17.25
CA ALA A 61 5.75 -9.78 -16.42
C ALA A 61 7.14 -10.39 -16.55
N ASP A 62 7.64 -10.37 -17.77
CA ASP A 62 8.93 -10.90 -18.13
C ASP A 62 10.00 -10.43 -17.16
N VAL A 63 10.17 -9.12 -17.04
CA VAL A 63 11.18 -8.55 -16.17
C VAL A 63 10.95 -8.74 -14.67
N GLN A 64 9.71 -8.57 -14.25
CA GLN A 64 9.41 -8.72 -12.84
C GLN A 64 9.69 -10.17 -12.49
N ALA A 65 9.58 -11.05 -13.46
CA ALA A 65 9.87 -12.44 -13.19
C ALA A 65 11.35 -12.70 -12.85
N LEU A 66 12.22 -11.83 -13.34
CA LEU A 66 13.65 -11.99 -13.12
C LEU A 66 14.08 -11.57 -11.73
N THR A 67 13.37 -10.62 -11.11
CA THR A 67 13.76 -10.18 -9.76
C THR A 67 13.66 -11.39 -8.83
N ASP A 68 13.24 -12.51 -9.39
CA ASP A 68 13.07 -13.74 -8.65
C ASP A 68 13.75 -14.89 -9.34
N HIS A 69 13.89 -14.76 -10.65
CA HIS A 69 14.49 -15.81 -11.42
C HIS A 69 15.65 -15.27 -12.22
N PHE A 70 16.36 -14.29 -11.64
CA PHE A 70 17.51 -13.70 -12.32
C PHE A 70 18.65 -14.73 -12.59
N ASP A 71 18.58 -15.89 -11.93
CA ASP A 71 19.60 -16.91 -12.13
C ASP A 71 19.05 -18.03 -13.03
N ARG A 72 17.78 -17.94 -13.40
CA ARG A 72 17.19 -18.96 -14.23
C ARG A 72 16.46 -18.29 -15.38
N PRO A 73 17.15 -17.44 -16.15
CA PRO A 73 16.56 -16.73 -17.29
C PRO A 73 15.87 -17.60 -18.35
N GLU A 74 16.38 -18.83 -18.50
CA GLU A 74 15.85 -19.79 -19.46
C GLU A 74 14.42 -20.17 -19.06
N GLN A 75 14.24 -20.39 -17.77
CA GLN A 75 12.95 -20.73 -17.22
C GLN A 75 11.91 -19.73 -17.70
N VAL A 76 12.20 -18.44 -17.53
CA VAL A 76 11.30 -17.35 -17.92
C VAL A 76 11.02 -17.31 -19.43
N ARG A 77 12.07 -17.22 -20.23
CA ARG A 77 11.90 -17.20 -21.66
C ARG A 77 10.87 -18.25 -22.10
N GLU A 78 11.13 -19.49 -21.71
CA GLU A 78 10.29 -20.61 -22.08
C GLU A 78 8.82 -20.46 -21.71
N ASN A 79 8.57 -19.84 -20.57
CA ASN A 79 7.20 -19.71 -20.09
C ASN A 79 6.37 -18.55 -20.62
N VAL A 80 6.98 -17.64 -21.36
CA VAL A 80 6.24 -16.50 -21.93
C VAL A 80 5.22 -17.01 -22.96
N LEU A 81 5.69 -17.90 -23.83
CA LEU A 81 4.91 -18.54 -24.87
C LEU A 81 3.95 -19.54 -24.24
N ALA A 82 4.37 -20.20 -23.16
CA ALA A 82 3.53 -21.18 -22.45
C ALA A 82 2.36 -20.56 -21.66
N VAL A 83 2.58 -19.37 -21.14
CA VAL A 83 1.53 -18.70 -20.41
C VAL A 83 0.56 -18.10 -21.44
N ALA A 84 1.12 -17.56 -22.52
CA ALA A 84 0.28 -16.97 -23.56
C ALA A 84 -0.66 -18.04 -24.09
N LEU A 85 -0.11 -19.23 -24.32
CA LEU A 85 -0.92 -20.33 -24.79
C LEU A 85 -1.99 -20.49 -23.72
N ASP A 86 -1.58 -20.54 -22.45
CA ASP A 86 -2.53 -20.71 -21.34
C ASP A 86 -3.64 -19.70 -21.46
N TYR A 87 -3.28 -18.44 -21.69
CA TYR A 87 -4.22 -17.33 -21.87
C TYR A 87 -5.24 -17.67 -22.96
N LEU A 88 -4.77 -17.87 -24.18
CA LEU A 88 -5.68 -18.21 -25.28
C LEU A 88 -6.65 -19.37 -24.94
N ALA A 89 -6.11 -20.44 -24.35
CA ALA A 89 -6.88 -21.64 -24.02
C ALA A 89 -7.92 -21.34 -22.99
N ALA A 90 -7.63 -20.35 -22.17
CA ALA A 90 -8.55 -19.94 -21.12
C ALA A 90 -9.67 -19.06 -21.65
N GLY A 91 -9.61 -18.69 -22.93
CA GLY A 91 -10.72 -17.90 -23.44
C GLY A 91 -10.41 -16.50 -23.91
N LEU A 92 -9.16 -16.12 -23.81
CA LEU A 92 -8.84 -14.80 -24.28
C LEU A 92 -8.71 -14.82 -25.80
N ASP A 93 -9.40 -13.87 -26.44
CA ASP A 93 -9.45 -13.67 -27.90
C ASP A 93 -8.45 -12.66 -28.44
N PRO A 94 -7.58 -13.09 -29.36
CA PRO A 94 -6.56 -12.23 -29.97
C PRO A 94 -7.15 -10.93 -30.49
N GLN A 95 -8.43 -10.98 -30.85
CA GLN A 95 -9.06 -9.79 -31.37
C GLN A 95 -9.50 -8.79 -30.30
N LYS A 96 -9.52 -9.21 -29.02
CA LYS A 96 -9.95 -8.32 -27.93
C LYS A 96 -9.02 -8.06 -26.73
N THR A 97 -7.88 -8.74 -26.68
CA THR A 97 -6.93 -8.58 -25.59
C THR A 97 -5.50 -8.33 -26.11
N THR A 98 -4.85 -7.30 -25.59
CA THR A 98 -3.50 -6.99 -26.03
C THR A 98 -2.48 -7.67 -25.12
N CYS A 99 -1.84 -8.72 -25.62
CA CYS A 99 -0.83 -9.45 -24.85
C CYS A 99 0.52 -8.74 -25.00
N VAL A 100 1.16 -8.40 -23.88
CA VAL A 100 2.43 -7.67 -23.92
C VAL A 100 3.62 -8.25 -23.17
N VAL A 101 4.75 -8.48 -23.83
CA VAL A 101 5.91 -9.02 -23.13
C VAL A 101 6.68 -7.82 -22.58
N GLN A 102 6.72 -7.71 -21.26
CA GLN A 102 7.35 -6.59 -20.55
C GLN A 102 8.73 -6.21 -21.02
N SER A 103 9.62 -7.19 -21.14
CA SER A 103 10.98 -6.92 -21.59
C SER A 103 11.08 -6.26 -22.99
N ALA A 104 10.04 -6.38 -23.82
CA ALA A 104 10.11 -5.76 -25.13
C ALA A 104 9.53 -4.36 -25.09
N VAL A 105 9.30 -3.86 -23.88
CA VAL A 105 8.79 -2.51 -23.71
C VAL A 105 9.69 -1.79 -22.72
N PRO A 106 10.89 -1.45 -23.16
CA PRO A 106 11.88 -0.74 -22.34
C PRO A 106 11.35 0.57 -21.76
N GLU A 107 10.30 1.12 -22.35
CA GLU A 107 9.75 2.33 -21.80
C GLU A 107 9.34 2.08 -20.36
N LEU A 108 8.92 0.88 -20.02
CA LEU A 108 8.50 0.64 -18.65
C LEU A 108 9.63 0.78 -17.64
N ALA A 109 10.82 0.40 -18.04
CA ALA A 109 11.94 0.49 -17.14
C ALA A 109 12.30 1.95 -16.96
N GLU A 110 12.15 2.69 -18.05
CA GLU A 110 12.47 4.09 -18.01
C GLU A 110 11.59 4.71 -16.93
N LEU A 111 10.30 4.47 -17.06
CA LEU A 111 9.36 5.05 -16.12
C LEU A 111 9.56 4.52 -14.70
N THR A 112 10.08 3.30 -14.58
CA THR A 112 10.28 2.74 -13.26
C THR A 112 11.33 3.60 -12.61
N VAL A 113 12.40 3.86 -13.34
CA VAL A 113 13.44 4.66 -12.74
C VAL A 113 12.89 5.97 -12.21
N TYR A 114 12.14 6.70 -13.03
CA TYR A 114 11.63 7.98 -12.58
C TYR A 114 10.78 7.86 -11.34
N PHE A 115 10.00 6.78 -11.28
CA PHE A 115 9.10 6.53 -10.16
C PHE A 115 9.87 6.27 -8.89
N LEU A 116 11.03 5.63 -8.99
CA LEU A 116 11.83 5.37 -7.79
C LEU A 116 12.12 6.64 -6.97
N ASN A 117 12.17 7.79 -7.63
CA ASN A 117 12.45 9.05 -6.96
C ASN A 117 11.23 9.53 -6.22
N LEU A 118 10.11 8.86 -6.38
CA LEU A 118 8.91 9.30 -5.72
C LEU A 118 8.50 8.57 -4.47
N VAL A 119 9.31 7.62 -4.00
CA VAL A 119 8.95 6.89 -2.78
C VAL A 119 10.20 6.65 -1.92
N THR A 120 10.03 6.47 -0.62
CA THR A 120 11.18 6.26 0.27
C THR A 120 11.44 4.80 0.56
N VAL A 121 12.67 4.49 0.87
CA VAL A 121 12.97 3.13 1.16
C VAL A 121 12.18 2.67 2.36
N SER A 122 11.84 3.59 3.26
CA SER A 122 11.10 3.23 4.48
C SER A 122 9.68 2.94 4.24
N HIS A 123 9.21 3.42 3.10
CA HIS A 123 7.85 3.20 2.70
C HIS A 123 7.79 1.88 1.96
N LEU A 124 8.85 1.55 1.23
CA LEU A 124 8.87 0.28 0.51
C LEU A 124 8.99 -0.83 1.56
N ARG A 125 9.72 -0.52 2.61
CA ARG A 125 9.95 -1.47 3.70
C ARG A 125 8.66 -1.91 4.43
N GLN A 126 7.64 -1.08 4.44
CA GLN A 126 6.42 -1.44 5.14
C GLN A 126 5.34 -2.04 4.26
N ASN A 127 5.69 -2.47 3.06
CA ASN A 127 4.67 -3.07 2.20
C ASN A 127 4.45 -4.46 2.84
N PRO A 128 3.22 -4.75 3.32
CA PRO A 128 2.96 -6.05 3.94
C PRO A 128 3.15 -7.28 3.06
N THR A 129 2.80 -7.17 1.79
CA THR A 129 2.93 -8.29 0.87
C THR A 129 4.39 -8.63 0.57
N VAL A 130 5.15 -7.66 0.10
CA VAL A 130 6.54 -7.92 -0.19
C VAL A 130 7.25 -8.41 1.07
N LYS A 131 6.88 -7.86 2.22
CA LYS A 131 7.54 -8.27 3.45
C LYS A 131 7.29 -9.76 3.70
N ALA A 132 6.07 -10.20 3.43
CA ALA A 132 5.72 -11.60 3.65
C ALA A 132 6.43 -12.49 2.65
N GLU A 133 6.44 -12.04 1.40
CA GLU A 133 7.13 -12.80 0.39
C GLU A 133 8.59 -12.90 0.80
N ILE A 134 9.17 -11.79 1.24
CA ILE A 134 10.56 -11.77 1.65
C ILE A 134 10.87 -12.78 2.73
N ALA A 135 10.03 -12.80 3.77
CA ALA A 135 10.23 -13.73 4.86
C ALA A 135 10.12 -15.18 4.40
N GLN A 136 9.24 -15.44 3.45
CA GLN A 136 9.05 -16.78 2.93
C GLN A 136 10.26 -17.27 2.16
N LYS A 137 10.87 -16.35 1.42
CA LYS A 137 12.05 -16.66 0.61
C LYS A 137 13.33 -16.67 1.40
N GLY A 138 13.22 -16.37 2.68
CA GLY A 138 14.34 -16.40 3.61
C GLY A 138 15.46 -15.47 3.21
N TYR A 139 15.13 -14.47 2.42
CA TYR A 139 16.14 -13.53 1.99
C TYR A 139 16.81 -12.77 3.13
N GLY A 140 16.01 -12.35 4.11
CA GLY A 140 16.57 -11.56 5.21
C GLY A 140 17.00 -10.23 4.63
N GLU A 141 17.89 -9.53 5.31
CA GLU A 141 18.33 -8.26 4.76
C GLU A 141 18.96 -8.44 3.39
N ARG A 142 19.31 -9.67 3.04
CA ARG A 142 19.94 -9.92 1.75
C ARG A 142 18.93 -10.05 0.62
N VAL A 143 17.95 -9.14 0.58
CA VAL A 143 16.89 -9.09 -0.44
C VAL A 143 17.41 -8.47 -1.71
N PRO A 144 17.24 -9.15 -2.85
CA PRO A 144 17.75 -8.57 -4.10
C PRO A 144 17.09 -7.23 -4.28
N ALA A 145 17.83 -6.26 -4.78
CA ALA A 145 17.27 -4.93 -4.97
C ALA A 145 16.04 -4.91 -5.90
N GLY A 146 16.15 -5.63 -7.01
CA GLY A 146 15.07 -5.68 -7.98
C GLY A 146 13.75 -6.12 -7.38
N PHE A 147 13.82 -7.13 -6.51
CA PHE A 147 12.65 -7.67 -5.81
C PHE A 147 12.11 -6.67 -4.82
N PHE A 148 12.94 -6.23 -3.88
CA PHE A 148 12.49 -5.25 -2.87
C PHE A 148 11.79 -4.10 -3.54
N VAL A 149 12.18 -3.84 -4.78
CA VAL A 149 11.61 -2.75 -5.55
C VAL A 149 10.46 -3.07 -6.55
N TYR A 150 10.14 -4.34 -6.80
CA TYR A 150 9.09 -4.61 -7.77
C TYR A 150 7.77 -3.85 -7.63
N PRO A 151 7.36 -3.42 -6.41
CA PRO A 151 6.09 -2.70 -6.35
C PRO A 151 6.00 -1.49 -7.20
N VAL A 152 7.05 -0.71 -7.23
CA VAL A 152 6.95 0.46 -8.07
C VAL A 152 7.10 0.04 -9.51
N SER A 153 7.86 -1.03 -9.76
CA SER A 153 8.01 -1.48 -11.13
C SER A 153 6.61 -1.72 -11.73
N GLN A 154 5.70 -2.24 -10.91
CA GLN A 154 4.33 -2.53 -11.33
C GLN A 154 3.55 -1.25 -11.47
N ALA A 155 3.87 -0.28 -10.63
CA ALA A 155 3.14 0.96 -10.73
C ALA A 155 3.50 1.50 -12.07
N ALA A 156 4.74 1.29 -12.47
CA ALA A 156 5.12 1.82 -13.74
C ALA A 156 4.30 1.14 -14.83
N ASP A 157 4.12 -0.17 -14.66
CA ASP A 157 3.37 -0.97 -15.64
C ASP A 157 2.01 -0.32 -15.80
N ILE A 158 1.35 -0.11 -14.69
CA ILE A 158 0.06 0.48 -14.72
C ILE A 158 0.01 1.83 -15.40
N ALA A 159 0.83 2.76 -14.93
CA ALA A 159 0.82 4.11 -15.50
C ALA A 159 1.25 4.24 -16.93
N ALA A 160 2.16 3.39 -17.38
CA ALA A 160 2.62 3.50 -18.75
C ALA A 160 1.53 3.11 -19.72
N PHE A 161 0.69 2.15 -19.33
CA PHE A 161 -0.42 1.65 -20.17
C PHE A 161 -1.75 2.42 -19.99
N GLY A 162 -1.67 3.44 -19.14
CA GLY A 162 -2.81 4.28 -18.89
C GLY A 162 -3.97 3.55 -18.24
N ALA A 163 -3.73 2.38 -17.66
CA ALA A 163 -4.79 1.61 -17.02
C ALA A 163 -5.54 2.40 -15.97
N THR A 164 -6.87 2.35 -16.06
CA THR A 164 -7.73 3.02 -15.09
C THR A 164 -8.39 1.99 -14.14
N LEU A 165 -8.31 0.73 -14.54
CA LEU A 165 -8.91 -0.33 -13.75
C LEU A 165 -7.91 -1.42 -13.66
N VAL A 166 -7.68 -1.91 -12.44
CA VAL A 166 -6.73 -3.00 -12.17
C VAL A 166 -7.25 -4.04 -11.20
N PRO A 167 -7.77 -5.15 -11.71
CA PRO A 167 -8.27 -6.21 -10.85
C PRO A 167 -7.18 -6.49 -9.84
N VAL A 168 -7.54 -6.84 -8.62
CA VAL A 168 -6.52 -7.06 -7.64
C VAL A 168 -7.00 -8.01 -6.56
N GLY A 169 -6.18 -9.00 -6.24
CA GLY A 169 -6.55 -9.93 -5.19
C GLY A 169 -6.48 -9.13 -3.90
N ASP A 170 -7.14 -9.58 -2.84
CA ASP A 170 -7.09 -8.86 -1.57
C ASP A 170 -5.64 -8.48 -1.25
N ASP A 171 -4.78 -9.45 -1.52
CA ASP A 171 -3.34 -9.40 -1.30
C ASP A 171 -2.53 -8.33 -1.99
N GLN A 172 -2.94 -7.93 -3.20
CA GLN A 172 -2.21 -6.91 -3.95
C GLN A 172 -2.80 -5.52 -3.79
N LEU A 173 -3.51 -5.30 -2.70
CA LEU A 173 -4.04 -3.99 -2.51
C LEU A 173 -2.94 -2.99 -2.22
N PRO A 174 -2.05 -3.30 -1.26
CA PRO A 174 -0.98 -2.36 -0.95
C PRO A 174 -0.27 -1.84 -2.17
N MET A 175 0.02 -2.74 -3.09
CA MET A 175 0.68 -2.31 -4.28
C MET A 175 -0.22 -1.33 -5.05
N LEU A 176 -1.47 -1.70 -5.22
CA LEU A 176 -2.40 -0.85 -5.94
C LEU A 176 -2.42 0.52 -5.32
N GLU A 177 -2.49 0.53 -4.00
CA GLU A 177 -2.55 1.80 -3.30
C GLU A 177 -1.27 2.54 -3.47
N GLN A 178 -0.16 1.83 -3.68
CA GLN A 178 1.08 2.58 -3.86
C GLN A 178 1.07 3.25 -5.22
N THR A 179 0.52 2.55 -6.19
CA THR A 179 0.51 3.16 -7.49
C THR A 179 -0.24 4.50 -7.46
N ARG A 180 -1.41 4.52 -6.87
CA ARG A 180 -2.15 5.76 -6.89
C ARG A 180 -1.37 6.86 -6.26
N GLU A 181 -0.68 6.52 -5.19
CA GLU A 181 0.09 7.50 -4.45
C GLU A 181 1.17 8.13 -5.32
N ILE A 182 1.94 7.25 -5.97
CA ILE A 182 2.99 7.69 -6.85
C ILE A 182 2.43 8.46 -8.01
N VAL A 183 1.36 7.95 -8.59
CA VAL A 183 0.79 8.68 -9.67
C VAL A 183 0.38 10.04 -9.16
N ARG A 184 -0.29 10.06 -8.02
CA ARG A 184 -0.72 11.33 -7.45
C ARG A 184 0.44 12.30 -7.29
N ARG A 185 1.51 11.86 -6.62
CA ARG A 185 2.69 12.70 -6.41
C ARG A 185 3.36 13.13 -7.72
N PHE A 186 3.25 12.30 -8.75
CA PHE A 186 3.85 12.64 -10.01
C PHE A 186 3.13 13.75 -10.68
N ASN A 187 1.81 13.69 -10.63
CA ASN A 187 0.98 14.72 -11.24
C ASN A 187 1.16 16.12 -10.62
N ALA A 188 1.41 16.15 -9.32
CA ALA A 188 1.55 17.41 -8.62
C ALA A 188 2.92 18.01 -8.85
N LEU A 189 3.93 17.19 -8.73
CA LEU A 189 5.26 17.71 -8.90
C LEU A 189 5.52 18.24 -10.29
N TYR A 190 5.18 17.42 -11.27
CA TYR A 190 5.40 17.73 -12.68
C TYR A 190 4.16 18.29 -13.38
N ALA A 191 3.32 17.39 -13.87
CA ALA A 191 2.10 17.79 -14.56
C ALA A 191 1.10 16.65 -14.51
N PRO A 192 -0.19 16.98 -14.43
CA PRO A 192 -1.21 15.92 -14.38
C PRO A 192 -1.43 15.15 -15.66
N VAL A 193 -0.49 14.31 -16.03
CA VAL A 193 -0.69 13.53 -17.24
C VAL A 193 -0.90 12.03 -16.96
N LEU A 194 -0.83 11.64 -15.69
CA LEU A 194 -1.04 10.23 -15.34
C LEU A 194 -2.38 9.98 -14.62
N ALA A 195 -3.02 8.85 -14.93
CA ALA A 195 -4.31 8.46 -14.37
C ALA A 195 -4.18 7.54 -13.18
N GLU A 196 -4.89 7.86 -12.10
CA GLU A 196 -4.87 7.05 -10.87
C GLU A 196 -5.75 5.86 -11.13
N PRO A 197 -5.20 4.64 -11.04
CA PRO A 197 -5.98 3.43 -11.28
C PRO A 197 -6.97 3.17 -10.16
N GLN A 198 -8.04 2.47 -10.48
CA GLN A 198 -9.00 2.19 -9.45
C GLN A 198 -9.06 0.69 -9.42
N ALA A 199 -9.31 0.12 -8.24
CA ALA A 199 -9.34 -1.32 -8.07
C ALA A 199 -10.62 -2.03 -8.33
N GLN A 200 -10.47 -3.29 -8.72
CA GLN A 200 -11.61 -4.11 -8.98
C GLN A 200 -11.47 -5.33 -8.08
N LEU A 201 -12.06 -5.24 -6.89
CA LEU A 201 -12.03 -6.36 -5.94
C LEU A 201 -12.75 -7.61 -6.49
N SER A 202 -12.27 -8.79 -6.12
CA SER A 202 -12.92 -10.04 -6.57
C SER A 202 -13.66 -10.64 -5.37
N ARG A 203 -14.43 -11.71 -5.60
CA ARG A 203 -15.20 -12.38 -4.54
C ARG A 203 -14.38 -13.51 -3.93
N VAL A 204 -14.21 -14.56 -4.73
CA VAL A 204 -13.43 -15.72 -4.33
C VAL A 204 -12.02 -15.33 -3.89
N PRO A 205 -11.73 -15.43 -2.58
CA PRO A 205 -10.40 -15.08 -2.11
C PRO A 205 -9.40 -16.11 -2.67
N ARG A 206 -8.11 -15.85 -2.48
CA ARG A 206 -7.06 -16.74 -2.98
C ARG A 206 -7.44 -18.21 -2.88
N LEU A 207 -7.74 -18.82 -4.03
CA LEU A 207 -8.08 -20.22 -4.08
C LEU A 207 -6.95 -20.93 -3.38
N PRO A 208 -7.28 -21.91 -2.55
CA PRO A 208 -6.26 -22.65 -1.82
C PRO A 208 -5.70 -23.81 -2.58
N GLY A 209 -4.54 -24.25 -2.14
CA GLY A 209 -3.91 -25.37 -2.79
C GLY A 209 -4.54 -26.66 -2.36
N LEU A 210 -4.27 -27.68 -3.15
CA LEU A 210 -4.77 -29.01 -2.87
C LEU A 210 -4.27 -29.32 -1.46
N ASP A 211 -3.06 -28.84 -1.17
CA ASP A 211 -2.39 -29.04 0.12
C ASP A 211 -3.30 -28.74 1.28
N GLY A 212 -4.06 -27.66 1.13
CA GLY A 212 -4.94 -27.16 2.16
C GLY A 212 -4.37 -25.83 2.62
N GLN A 213 -3.25 -25.42 1.99
CA GLN A 213 -2.55 -24.15 2.28
C GLN A 213 -3.43 -22.98 1.87
N ALA A 214 -2.88 -21.77 1.83
CA ALA A 214 -3.67 -20.61 1.41
C ALA A 214 -3.39 -20.35 -0.06
N LYS A 215 -2.20 -20.77 -0.49
CA LYS A 215 -1.71 -20.59 -1.86
C LYS A 215 -1.56 -21.83 -2.76
N MET A 216 -2.03 -21.71 -3.99
CA MET A 216 -1.86 -22.77 -4.94
C MET A 216 -0.76 -22.22 -5.81
N SER A 217 0.26 -23.02 -6.09
CA SER A 217 1.39 -22.59 -6.92
C SER A 217 2.20 -23.80 -7.33
N LYS A 218 2.82 -23.77 -8.49
CA LYS A 218 3.61 -24.93 -8.92
C LYS A 218 4.81 -25.09 -8.02
N SER A 219 5.14 -24.00 -7.34
CA SER A 219 6.27 -23.97 -6.44
C SER A 219 5.94 -24.82 -5.23
N LEU A 220 4.71 -24.70 -4.76
CA LEU A 220 4.34 -25.47 -3.61
C LEU A 220 3.91 -26.89 -4.01
N GLY A 221 3.83 -27.13 -5.31
CA GLY A 221 3.43 -28.44 -5.83
C GLY A 221 1.98 -28.84 -5.55
N ASN A 222 1.15 -27.89 -5.15
CA ASN A 222 -0.23 -28.20 -4.86
C ASN A 222 -1.13 -27.59 -5.91
N ALA A 223 -0.80 -27.73 -7.19
CA ALA A 223 -1.66 -27.09 -8.17
C ALA A 223 -2.09 -27.98 -9.26
N ILE A 224 -3.23 -27.63 -9.83
CA ILE A 224 -3.79 -28.37 -10.94
C ILE A 224 -3.67 -27.48 -12.18
N ALA A 225 -2.62 -27.65 -12.96
CA ALA A 225 -2.42 -26.81 -14.13
C ALA A 225 -3.54 -26.90 -15.15
N LEU A 226 -3.71 -25.85 -15.95
CA LEU A 226 -4.75 -25.84 -16.97
C LEU A 226 -4.43 -26.83 -18.09
N GLY A 227 -3.25 -27.44 -18.03
CA GLY A 227 -2.89 -28.37 -19.07
C GLY A 227 -2.97 -29.83 -18.68
N ASP A 228 -3.23 -30.09 -17.40
CA ASP A 228 -3.33 -31.45 -16.85
C ASP A 228 -4.46 -32.27 -17.44
N SER A 229 -4.16 -33.53 -17.73
CA SER A 229 -5.14 -34.44 -18.31
C SER A 229 -6.30 -34.87 -17.39
N ALA A 230 -7.39 -35.32 -17.97
CA ALA A 230 -8.53 -35.76 -17.16
C ALA A 230 -8.06 -36.71 -16.06
N ASP A 231 -7.08 -37.55 -16.38
CA ASP A 231 -6.58 -38.51 -15.42
C ASP A 231 -5.94 -37.83 -14.26
N GLU A 232 -5.06 -36.89 -14.55
CA GLU A 232 -4.36 -36.17 -13.51
C GLU A 232 -5.30 -35.36 -12.63
N VAL A 233 -6.05 -34.46 -13.25
CA VAL A 233 -6.94 -33.64 -12.48
C VAL A 233 -7.69 -34.52 -11.49
N ALA A 234 -8.06 -35.72 -11.91
CA ALA A 234 -8.78 -36.59 -11.01
C ALA A 234 -7.87 -37.10 -9.90
N ARG A 235 -6.63 -37.39 -10.27
CA ARG A 235 -5.64 -37.92 -9.34
C ARG A 235 -5.26 -36.87 -8.31
N LYS A 236 -5.26 -35.62 -8.75
CA LYS A 236 -4.90 -34.51 -7.89
C LYS A 236 -6.01 -34.28 -6.88
N VAL A 237 -7.25 -34.49 -7.30
CA VAL A 237 -8.38 -34.26 -6.40
C VAL A 237 -8.44 -35.33 -5.33
N MET A 238 -8.17 -36.56 -5.73
CA MET A 238 -8.23 -37.65 -4.78
C MET A 238 -7.21 -37.51 -3.65
N GLY A 239 -6.08 -36.88 -3.92
CA GLY A 239 -5.05 -36.74 -2.88
C GLY A 239 -5.15 -35.42 -2.17
N MET A 240 -6.23 -34.73 -2.51
CA MET A 240 -6.49 -33.44 -1.96
C MET A 240 -6.79 -33.50 -0.48
N TYR A 241 -6.10 -32.64 0.28
CA TYR A 241 -6.30 -32.57 1.73
C TYR A 241 -7.78 -32.39 1.96
N THR A 242 -8.29 -32.97 3.04
CA THR A 242 -9.71 -32.85 3.35
C THR A 242 -9.99 -32.51 4.82
N ASP A 243 -10.18 -33.55 5.61
CA ASP A 243 -10.46 -33.35 7.02
C ASP A 243 -9.92 -34.47 7.88
N PRO A 244 -8.88 -34.19 8.66
CA PRO A 244 -8.39 -35.28 9.51
C PRO A 244 -9.52 -35.41 10.56
N GLY A 245 -9.53 -36.45 11.39
CA GLY A 245 -10.62 -36.54 12.37
C GLY A 245 -11.83 -37.16 11.69
N HIS A 246 -11.86 -37.03 10.37
CA HIS A 246 -12.90 -37.63 9.55
C HIS A 246 -12.15 -38.81 8.91
N LEU A 247 -12.26 -39.98 9.53
CA LEU A 247 -11.56 -41.19 9.08
C LEU A 247 -12.40 -42.09 8.15
N ARG A 248 -13.67 -42.29 8.51
CA ARG A 248 -14.57 -43.09 7.69
C ARG A 248 -15.84 -42.28 7.32
N ALA A 249 -16.36 -42.53 6.12
CA ALA A 249 -17.57 -41.85 5.62
C ALA A 249 -18.58 -41.50 6.73
N SER A 250 -19.21 -42.54 7.30
CA SER A 250 -20.21 -42.48 8.40
C SER A 250 -20.09 -41.21 9.25
N ASP A 251 -18.94 -41.11 9.89
CA ASP A 251 -18.62 -39.98 10.72
C ASP A 251 -19.07 -38.64 10.17
N PRO A 252 -19.24 -37.64 11.04
CA PRO A 252 -19.66 -36.28 10.69
C PRO A 252 -18.43 -35.47 10.31
N GLY A 253 -18.50 -34.77 9.18
CA GLY A 253 -17.37 -33.96 8.76
C GLY A 253 -17.69 -32.48 8.85
N ARG A 254 -16.68 -31.62 8.68
CA ARG A 254 -16.90 -30.17 8.71
C ARG A 254 -16.22 -29.49 7.53
N VAL A 255 -16.91 -28.52 6.94
CA VAL A 255 -16.43 -27.79 5.78
C VAL A 255 -15.30 -26.77 6.03
N GLU A 256 -15.24 -26.18 7.22
CA GLU A 256 -14.20 -25.21 7.48
C GLU A 256 -12.85 -25.85 7.29
N GLY A 257 -12.03 -25.22 6.48
CA GLY A 257 -10.68 -25.72 6.24
C GLY A 257 -10.53 -26.79 5.19
N ASN A 258 -11.66 -27.24 4.63
CA ASN A 258 -11.67 -28.27 3.60
C ASN A 258 -11.58 -27.72 2.18
N PRO A 259 -10.43 -27.90 1.52
CA PRO A 259 -10.28 -27.40 0.16
C PRO A 259 -11.31 -27.79 -0.88
N VAL A 260 -11.85 -29.00 -0.78
CA VAL A 260 -12.84 -29.44 -1.76
C VAL A 260 -14.08 -28.55 -1.80
N PHE A 261 -14.54 -28.09 -0.65
CA PHE A 261 -15.72 -27.25 -0.64
C PHE A 261 -15.36 -25.84 -1.12
N THR A 262 -14.18 -25.38 -0.78
CA THR A 262 -13.81 -24.05 -1.21
C THR A 262 -13.42 -24.10 -2.67
N PHE A 263 -13.47 -25.30 -3.21
CA PHE A 263 -13.15 -25.55 -4.60
C PHE A 263 -14.47 -25.58 -5.29
N LEU A 264 -15.43 -26.21 -4.66
CA LEU A 264 -16.70 -26.23 -5.33
C LEU A 264 -17.24 -24.82 -5.30
N ASP A 265 -16.94 -24.13 -4.21
CA ASP A 265 -17.44 -22.79 -3.99
C ASP A 265 -16.97 -21.79 -5.04
N ALA A 266 -15.99 -22.21 -5.83
CA ALA A 266 -15.47 -21.31 -6.83
C ALA A 266 -15.57 -21.85 -8.27
N PHE A 267 -15.83 -23.15 -8.40
CA PHE A 267 -15.95 -23.77 -9.71
C PHE A 267 -17.30 -24.44 -9.93
N ASP A 268 -18.10 -24.53 -8.88
CA ASP A 268 -19.39 -25.19 -9.01
C ASP A 268 -20.55 -24.21 -9.16
N PRO A 269 -21.21 -24.22 -10.35
CA PRO A 269 -22.34 -23.38 -10.75
C PRO A 269 -23.71 -23.53 -10.03
N ASP A 270 -24.00 -24.65 -9.37
CA ASP A 270 -25.29 -24.84 -8.66
C ASP A 270 -25.11 -24.69 -7.13
N PRO A 271 -25.10 -23.46 -6.59
CA PRO A 271 -24.92 -23.25 -5.14
C PRO A 271 -25.92 -24.00 -4.22
N ALA A 272 -27.13 -24.21 -4.74
CA ALA A 272 -28.13 -24.93 -3.97
C ALA A 272 -27.52 -26.31 -3.81
N ARG A 273 -26.99 -26.83 -4.92
CA ARG A 273 -26.34 -28.14 -4.94
C ARG A 273 -25.16 -28.17 -3.96
N VAL A 274 -24.39 -27.07 -3.89
CA VAL A 274 -23.26 -26.97 -2.96
C VAL A 274 -23.73 -26.95 -1.48
N GLN A 275 -24.53 -25.95 -1.14
CA GLN A 275 -25.02 -25.86 0.21
C GLN A 275 -25.69 -27.18 0.64
N ALA A 276 -25.95 -28.05 -0.34
CA ALA A 276 -26.57 -29.35 -0.05
C ALA A 276 -25.55 -30.30 0.60
N LEU A 277 -24.50 -30.59 -0.15
CA LEU A 277 -23.44 -31.45 0.35
C LEU A 277 -22.97 -30.89 1.68
N LYS A 278 -22.97 -29.56 1.79
CA LYS A 278 -22.54 -28.90 3.01
C LYS A 278 -23.42 -29.37 4.19
N ASP A 279 -24.65 -29.76 3.92
CA ASP A 279 -25.52 -30.21 5.01
C ASP A 279 -25.14 -31.64 5.35
N GLN A 280 -25.36 -32.52 4.39
CA GLN A 280 -25.07 -33.92 4.56
C GLN A 280 -23.70 -34.18 5.18
N TYR A 281 -22.70 -33.40 4.74
CA TYR A 281 -21.31 -33.57 5.19
C TYR A 281 -21.09 -33.25 6.65
N ARG A 282 -21.97 -32.43 7.18
CA ARG A 282 -21.89 -32.04 8.57
C ARG A 282 -22.65 -33.14 9.35
N ALA A 283 -23.61 -33.78 8.68
CA ALA A 283 -24.40 -34.87 9.25
C ALA A 283 -23.51 -36.09 9.25
N GLY A 284 -23.53 -36.86 8.16
CA GLY A 284 -22.69 -38.05 8.07
C GLY A 284 -23.28 -39.10 7.15
N GLY A 285 -23.19 -38.85 5.85
CA GLY A 285 -23.73 -39.78 4.88
C GLY A 285 -23.31 -39.35 3.50
N LEU A 286 -22.27 -38.54 3.53
CA LEU A 286 -21.68 -37.98 2.35
C LEU A 286 -20.20 -38.25 2.43
N GLY A 287 -19.76 -39.33 1.79
CA GLY A 287 -18.37 -39.73 1.82
C GLY A 287 -17.46 -38.78 1.07
N ASP A 288 -16.36 -38.38 1.68
CA ASP A 288 -15.45 -37.47 1.03
C ASP A 288 -15.21 -37.93 -0.42
N VAL A 289 -15.31 -39.23 -0.66
CA VAL A 289 -15.08 -39.75 -2.01
C VAL A 289 -16.14 -39.12 -2.88
N LYS A 290 -17.38 -39.32 -2.47
CA LYS A 290 -18.50 -38.78 -3.18
C LYS A 290 -18.28 -37.29 -3.39
N VAL A 291 -17.83 -36.59 -2.37
CA VAL A 291 -17.64 -35.16 -2.55
C VAL A 291 -16.63 -34.98 -3.66
N LYS A 292 -15.49 -35.61 -3.49
CA LYS A 292 -14.45 -35.48 -4.48
C LYS A 292 -14.97 -35.85 -5.86
N LYS A 293 -15.46 -37.08 -5.99
CA LYS A 293 -15.95 -37.59 -7.25
C LYS A 293 -16.72 -36.51 -7.97
N HIS A 294 -17.64 -35.88 -7.27
CA HIS A 294 -18.43 -34.83 -7.89
C HIS A 294 -17.51 -33.72 -8.38
N LEU A 295 -16.88 -33.05 -7.43
CA LEU A 295 -16.00 -31.96 -7.74
C LEU A 295 -15.09 -32.25 -8.93
N ILE A 296 -14.56 -33.46 -9.01
CA ILE A 296 -13.65 -33.77 -10.10
C ILE A 296 -14.29 -33.48 -11.44
N ASP A 297 -15.56 -33.80 -11.53
CA ASP A 297 -16.21 -33.56 -12.78
C ASP A 297 -16.55 -32.10 -12.92
N VAL A 298 -16.84 -31.43 -11.80
CA VAL A 298 -17.19 -30.02 -11.91
C VAL A 298 -15.97 -29.29 -12.42
N LEU A 299 -14.83 -29.95 -12.34
CA LEU A 299 -13.62 -29.34 -12.82
C LEU A 299 -13.44 -29.73 -14.27
N ASN A 300 -13.70 -30.99 -14.58
CA ASN A 300 -13.54 -31.43 -15.96
C ASN A 300 -14.48 -30.62 -16.82
N GLY A 301 -15.60 -30.23 -16.23
CA GLY A 301 -16.58 -29.45 -16.96
C GLY A 301 -16.08 -28.05 -17.24
N VAL A 302 -15.57 -27.42 -16.22
CA VAL A 302 -15.08 -26.10 -16.44
C VAL A 302 -13.81 -26.17 -17.30
N LEU A 303 -13.14 -27.31 -17.32
CA LEU A 303 -11.91 -27.42 -18.11
C LEU A 303 -12.04 -28.01 -19.51
N ALA A 304 -13.11 -28.75 -19.73
CA ALA A 304 -13.29 -29.38 -21.01
C ALA A 304 -12.93 -28.52 -22.23
N PRO A 305 -13.63 -27.38 -22.41
CA PRO A 305 -13.38 -26.49 -23.56
C PRO A 305 -11.94 -25.99 -23.66
N ILE A 306 -11.41 -25.56 -22.52
CA ILE A 306 -10.03 -25.07 -22.44
C ILE A 306 -9.08 -26.11 -23.04
N ARG A 307 -9.29 -27.39 -22.73
CA ARG A 307 -8.43 -28.43 -23.27
C ARG A 307 -8.45 -28.46 -24.80
N THR A 308 -9.66 -28.42 -25.37
CA THR A 308 -9.84 -28.47 -26.81
C THR A 308 -9.27 -27.24 -27.47
N ARG A 309 -9.42 -26.11 -26.80
CA ARG A 309 -8.94 -24.84 -27.30
C ARG A 309 -7.42 -24.82 -27.36
N ARG A 310 -6.77 -25.43 -26.37
CA ARG A 310 -5.31 -25.48 -26.33
C ARG A 310 -4.74 -26.33 -27.48
N ALA A 311 -5.37 -27.46 -27.74
CA ALA A 311 -4.92 -28.32 -28.82
C ALA A 311 -4.87 -27.50 -30.11
N GLU A 312 -5.96 -26.84 -30.45
CA GLU A 312 -6.01 -26.03 -31.67
C GLU A 312 -4.78 -25.17 -31.77
N TYR A 313 -4.56 -24.36 -30.74
CA TYR A 313 -3.43 -23.47 -30.75
C TYR A 313 -2.14 -24.24 -30.68
N GLU A 314 -2.11 -25.37 -29.98
CA GLU A 314 -0.86 -26.12 -29.94
C GLU A 314 -0.48 -26.59 -31.35
N ARG A 315 -1.46 -26.64 -32.26
CA ARG A 315 -1.21 -27.07 -33.64
C ARG A 315 -1.00 -25.86 -34.58
N ASP A 316 -1.13 -24.65 -34.05
CA ASP A 316 -0.97 -23.40 -34.83
C ASP A 316 -0.10 -22.50 -34.01
N PRO A 317 1.02 -23.02 -33.55
CA PRO A 317 1.95 -22.26 -32.72
C PRO A 317 2.25 -20.89 -33.28
N ASP A 318 2.28 -20.80 -34.59
CA ASP A 318 2.53 -19.56 -35.32
C ASP A 318 1.55 -18.49 -34.81
N ALA A 319 0.37 -18.95 -34.44
CA ALA A 319 -0.68 -18.07 -33.96
C ALA A 319 -0.38 -17.57 -32.58
N VAL A 320 0.21 -18.39 -31.73
CA VAL A 320 0.50 -17.93 -30.39
C VAL A 320 1.53 -16.83 -30.44
N LEU A 321 2.55 -17.06 -31.25
CA LEU A 321 3.65 -16.11 -31.44
C LEU A 321 3.06 -14.79 -31.98
N ARG A 322 2.11 -14.91 -32.89
CA ARG A 322 1.45 -13.76 -33.46
C ARG A 322 0.78 -12.96 -32.33
N PHE A 323 0.04 -13.66 -31.47
CA PHE A 323 -0.67 -13.05 -30.37
C PHE A 323 0.25 -12.19 -29.54
N VAL A 324 1.42 -12.75 -29.26
CA VAL A 324 2.41 -12.07 -28.46
C VAL A 324 3.06 -10.92 -29.19
N THR A 325 3.56 -11.20 -30.38
CA THR A 325 4.22 -10.17 -31.18
C THR A 325 3.32 -8.97 -31.54
N GLU A 326 2.12 -9.22 -32.08
CA GLU A 326 1.23 -8.11 -32.46
C GLU A 326 0.84 -7.30 -31.24
N GLY A 327 0.47 -7.98 -30.17
CA GLY A 327 0.08 -7.32 -28.95
C GLY A 327 1.21 -6.46 -28.41
N THR A 328 2.38 -7.06 -28.28
CA THR A 328 3.51 -6.33 -27.76
C THR A 328 3.75 -5.09 -28.55
N ALA A 329 3.54 -5.15 -29.86
CA ALA A 329 3.75 -3.96 -30.66
C ALA A 329 2.74 -2.92 -30.23
N ARG A 330 1.47 -3.28 -30.25
CA ARG A 330 0.42 -2.35 -29.88
C ARG A 330 0.69 -1.71 -28.55
N GLY A 331 1.08 -2.54 -27.58
CA GLY A 331 1.35 -2.05 -26.24
C GLY A 331 2.51 -1.08 -26.12
N ARG A 332 3.58 -1.35 -26.85
CA ARG A 332 4.70 -0.47 -26.79
C ARG A 332 4.15 0.81 -27.34
N GLU A 333 3.31 0.71 -28.36
CA GLU A 333 2.75 1.91 -28.96
C GLU A 333 2.21 2.82 -27.89
N VAL A 334 1.42 2.23 -27.00
CA VAL A 334 0.77 2.96 -25.90
C VAL A 334 1.74 3.47 -24.86
N ALA A 335 2.71 2.66 -24.52
CA ALA A 335 3.69 3.08 -23.55
C ALA A 335 4.42 4.26 -24.10
N ALA A 336 4.85 4.17 -25.37
CA ALA A 336 5.60 5.24 -25.99
C ALA A 336 4.88 6.56 -25.95
N GLN A 337 3.56 6.51 -26.06
CA GLN A 337 2.74 7.72 -26.04
C GLN A 337 2.74 8.38 -24.68
N THR A 338 2.67 7.56 -23.64
CA THR A 338 2.63 8.04 -22.26
C THR A 338 3.99 8.58 -21.82
N LEU A 339 5.05 7.89 -22.17
CA LEU A 339 6.37 8.34 -21.79
C LEU A 339 6.69 9.69 -22.39
N GLY A 340 6.26 9.90 -23.63
CA GLY A 340 6.54 11.17 -24.27
C GLY A 340 5.89 12.24 -23.45
N GLN A 341 4.69 11.94 -22.96
CA GLN A 341 3.97 12.88 -22.12
C GLN A 341 4.77 13.05 -20.84
N VAL A 342 5.14 11.93 -20.23
CA VAL A 342 5.91 11.97 -19.01
C VAL A 342 7.20 12.75 -19.19
N ARG A 343 7.95 12.43 -20.24
CA ARG A 343 9.21 13.12 -20.47
C ARG A 343 9.12 14.63 -20.61
N ARG A 344 8.01 15.13 -21.15
CA ARG A 344 7.86 16.58 -21.32
C ARG A 344 7.30 17.15 -20.01
N ALA A 345 6.53 16.34 -19.28
CA ALA A 345 5.99 16.82 -18.03
C ALA A 345 7.10 17.00 -17.04
N MET A 346 8.15 16.19 -17.13
CA MET A 346 9.26 16.30 -16.18
C MET A 346 10.29 17.33 -16.62
N ARG A 347 10.03 17.97 -17.76
CA ARG A 347 10.94 18.95 -18.31
C ARG A 347 12.32 18.34 -18.48
N LEU A 348 12.40 17.11 -18.97
CA LEU A 348 13.69 16.51 -19.18
C LEU A 348 14.27 17.26 -20.36
N PHE A 349 15.54 17.59 -20.28
CA PHE A 349 16.17 18.34 -21.35
C PHE A 349 15.77 17.85 -22.71
N GLY A 350 15.39 18.79 -23.57
CA GLY A 350 15.01 18.44 -24.93
C GLY A 350 13.55 18.22 -25.20
N HIS A 351 12.71 18.31 -24.19
CA HIS A 351 11.30 18.07 -24.43
C HIS A 351 10.39 19.25 -23.93
N ALA B 21 -50.29 -13.99 21.28
CA ALA B 21 -50.39 -12.58 20.77
C ALA B 21 -49.73 -12.49 19.40
N ARG B 22 -50.04 -11.41 18.68
CA ARG B 22 -49.49 -11.18 17.35
C ARG B 22 -48.84 -9.79 17.09
N PRO B 23 -48.45 -9.04 18.14
CA PRO B 23 -47.83 -7.73 17.88
C PRO B 23 -46.37 -7.92 17.42
N ARG B 24 -45.98 -7.30 16.30
CA ARG B 24 -44.60 -7.41 15.79
C ARG B 24 -43.80 -6.36 16.56
N VAL B 25 -42.81 -6.81 17.35
CA VAL B 25 -41.97 -5.90 18.13
C VAL B 25 -40.60 -5.81 17.49
N LEU B 26 -40.05 -4.61 17.45
CA LEU B 26 -38.74 -4.40 16.85
C LEU B 26 -37.69 -3.86 17.82
N THR B 27 -36.57 -4.56 17.94
CA THR B 27 -35.49 -4.17 18.87
C THR B 27 -34.14 -4.48 18.21
N GLY B 28 -33.10 -3.80 18.66
CA GLY B 28 -31.79 -4.08 18.08
C GLY B 28 -30.69 -3.35 18.81
N ASP B 29 -29.50 -3.38 18.23
CA ASP B 29 -28.31 -2.73 18.79
C ASP B 29 -27.34 -2.37 17.67
N ARG B 30 -26.48 -1.38 17.89
CA ARG B 30 -25.49 -1.03 16.87
C ARG B 30 -24.31 -1.97 17.12
N PRO B 31 -24.16 -3.03 16.35
CA PRO B 31 -23.04 -3.96 16.56
C PRO B 31 -21.72 -3.26 16.81
N THR B 32 -21.47 -2.87 18.04
CA THR B 32 -20.25 -2.17 18.37
C THR B 32 -19.32 -3.02 19.19
N GLY B 33 -19.71 -4.28 19.39
CA GLY B 33 -18.88 -5.16 20.17
C GLY B 33 -19.80 -5.95 21.06
N ALA B 34 -19.26 -7.01 21.69
CA ALA B 34 -20.05 -7.87 22.57
C ALA B 34 -20.77 -7.04 23.63
N LEU B 35 -21.89 -7.56 24.15
CA LEU B 35 -22.65 -6.84 25.16
C LEU B 35 -22.37 -7.21 26.63
N HIS B 36 -22.88 -6.40 27.55
CA HIS B 36 -22.64 -6.61 28.97
C HIS B 36 -23.91 -6.55 29.78
N LEU B 37 -23.83 -7.06 31.01
CA LEU B 37 -24.93 -7.09 31.97
C LEU B 37 -25.88 -5.90 31.82
N GLY B 38 -25.31 -4.73 31.57
CA GLY B 38 -26.13 -3.54 31.41
C GLY B 38 -27.24 -3.75 30.39
N HIS B 39 -26.90 -4.39 29.26
CA HIS B 39 -27.83 -4.71 28.17
C HIS B 39 -28.75 -5.84 28.60
N LEU B 40 -28.22 -6.71 29.44
CA LEU B 40 -29.03 -7.79 29.95
C LEU B 40 -29.95 -7.17 30.96
N ALA B 41 -29.33 -6.50 31.93
CA ALA B 41 -29.99 -5.81 33.01
C ALA B 41 -31.28 -5.11 32.55
N GLY B 42 -31.21 -4.56 31.34
CA GLY B 42 -32.36 -3.86 30.80
C GLY B 42 -33.08 -4.57 29.68
N SER B 43 -32.70 -4.23 28.45
CA SER B 43 -33.33 -4.76 27.25
C SER B 43 -33.25 -6.27 26.95
N LEU B 44 -32.09 -6.88 27.15
CA LEU B 44 -31.90 -8.29 26.82
C LEU B 44 -32.82 -9.34 27.43
N GLN B 45 -33.33 -9.12 28.64
CA GLN B 45 -34.20 -10.12 29.23
C GLN B 45 -35.64 -9.87 28.85
N ASN B 46 -35.96 -8.61 28.59
CA ASN B 46 -37.32 -8.24 28.18
C ASN B 46 -37.60 -8.98 26.88
N ARG B 47 -36.63 -8.95 25.96
CA ARG B 47 -36.77 -9.61 24.67
C ARG B 47 -36.97 -11.09 24.90
N VAL B 48 -36.30 -11.63 25.91
CA VAL B 48 -36.46 -13.04 26.24
C VAL B 48 -37.95 -13.19 26.61
N ARG B 49 -38.50 -12.15 27.25
CA ARG B 49 -39.91 -12.13 27.67
C ARG B 49 -40.78 -11.91 26.45
N LEU B 50 -40.49 -10.83 25.75
CA LEU B 50 -41.23 -10.49 24.55
C LEU B 50 -41.20 -11.63 23.53
N GLN B 51 -40.11 -12.39 23.53
CA GLN B 51 -39.92 -13.49 22.58
C GLN B 51 -41.17 -14.30 22.33
N ASP B 52 -41.64 -14.91 23.41
CA ASP B 52 -42.81 -15.77 23.39
C ASP B 52 -44.14 -15.03 23.39
N GLU B 53 -44.18 -13.80 23.89
CA GLU B 53 -45.45 -13.07 23.92
C GLU B 53 -45.75 -12.37 22.60
N ALA B 54 -44.88 -12.55 21.60
CA ALA B 54 -45.08 -11.91 20.30
C ALA B 54 -44.08 -12.38 19.26
N GLU B 55 -44.10 -11.69 18.13
CA GLU B 55 -43.17 -11.95 17.03
C GLU B 55 -42.03 -10.95 17.23
N LEU B 56 -40.87 -11.46 17.64
CA LEU B 56 -39.71 -10.64 17.91
C LEU B 56 -38.80 -10.43 16.72
N PHE B 57 -38.47 -9.18 16.46
CA PHE B 57 -37.56 -8.87 15.37
C PHE B 57 -36.44 -8.10 16.01
N VAL B 58 -35.21 -8.57 15.85
CA VAL B 58 -34.06 -7.87 16.42
C VAL B 58 -33.09 -7.51 15.29
N LEU B 59 -32.96 -6.21 15.07
CA LEU B 59 -32.11 -5.71 14.00
C LEU B 59 -30.71 -5.46 14.48
N LEU B 60 -29.75 -5.87 13.69
CA LEU B 60 -28.36 -5.63 14.06
C LEU B 60 -27.98 -4.37 13.30
N ALA B 61 -28.47 -3.24 13.78
CA ALA B 61 -28.22 -1.94 13.15
C ALA B 61 -26.86 -1.76 12.51
N ASP B 62 -26.62 -2.56 11.50
CA ASP B 62 -25.37 -2.55 10.78
C ASP B 62 -24.92 -1.19 10.29
N VAL B 63 -25.74 -0.58 9.45
CA VAL B 63 -25.38 0.71 8.90
C VAL B 63 -25.52 1.84 9.92
N GLN B 64 -26.53 1.77 10.81
CA GLN B 64 -26.73 2.84 11.80
C GLN B 64 -25.44 2.97 12.62
N ALA B 65 -24.83 1.82 12.86
CA ALA B 65 -23.60 1.78 13.62
C ALA B 65 -22.44 2.45 12.90
N LEU B 66 -22.56 2.56 11.58
CA LEU B 66 -21.51 3.17 10.78
C LEU B 66 -21.60 4.69 10.76
N THR B 67 -22.79 5.23 10.98
CA THR B 67 -22.90 6.68 11.01
C THR B 67 -21.87 7.22 12.02
N ASP B 68 -21.60 6.42 13.04
CA ASP B 68 -20.66 6.78 14.10
C ASP B 68 -19.24 6.18 13.92
N HIS B 69 -19.15 4.95 13.46
CA HIS B 69 -17.86 4.30 13.26
C HIS B 69 -17.50 4.02 11.82
N PHE B 70 -17.99 4.86 10.91
CA PHE B 70 -17.71 4.70 9.48
C PHE B 70 -16.21 4.55 9.21
N ASP B 71 -15.39 5.18 10.05
CA ASP B 71 -13.92 5.15 9.96
C ASP B 71 -13.25 3.88 10.53
N ARG B 72 -14.03 3.00 11.12
CA ARG B 72 -13.51 1.77 11.69
C ARG B 72 -14.35 0.60 11.23
N PRO B 73 -14.55 0.46 9.90
CA PRO B 73 -15.34 -0.60 9.27
C PRO B 73 -15.28 -2.03 9.85
N GLU B 74 -14.16 -2.74 9.66
CA GLU B 74 -14.02 -4.14 10.13
C GLU B 74 -14.37 -4.40 11.59
N GLN B 75 -14.58 -3.35 12.36
CA GLN B 75 -14.96 -3.54 13.75
C GLN B 75 -16.43 -3.88 13.80
N VAL B 76 -17.22 -3.09 13.09
CA VAL B 76 -18.65 -3.30 13.02
C VAL B 76 -18.87 -4.69 12.44
N ARG B 77 -18.19 -4.98 11.34
CA ARG B 77 -18.31 -6.27 10.68
C ARG B 77 -18.28 -7.42 11.67
N GLU B 78 -17.16 -7.59 12.36
CA GLU B 78 -16.99 -8.69 13.31
C GLU B 78 -17.99 -8.73 14.47
N ASN B 79 -18.34 -7.57 15.00
CA ASN B 79 -19.29 -7.56 16.09
C ASN B 79 -20.69 -7.99 15.65
N VAL B 80 -20.94 -7.95 14.35
CA VAL B 80 -22.23 -8.39 13.89
C VAL B 80 -22.40 -9.75 14.51
N LEU B 81 -21.53 -10.69 14.13
CA LEU B 81 -21.62 -12.05 14.63
C LEU B 81 -21.33 -12.16 16.14
N ALA B 82 -20.67 -11.14 16.67
CA ALA B 82 -20.36 -11.14 18.09
C ALA B 82 -21.59 -10.85 18.91
N VAL B 83 -22.37 -9.88 18.46
CA VAL B 83 -23.58 -9.55 19.19
C VAL B 83 -24.60 -10.65 19.07
N ALA B 84 -24.64 -11.33 17.93
CA ALA B 84 -25.59 -12.42 17.74
C ALA B 84 -25.37 -13.38 18.88
N LEU B 85 -24.11 -13.82 19.01
CA LEU B 85 -23.74 -14.71 20.09
C LEU B 85 -24.37 -14.24 21.40
N ASP B 86 -24.07 -13.01 21.80
CA ASP B 86 -24.62 -12.48 23.02
C ASP B 86 -26.12 -12.59 23.12
N TYR B 87 -26.80 -12.72 21.98
CA TYR B 87 -28.27 -12.85 21.94
C TYR B 87 -28.63 -14.30 22.27
N LEU B 88 -28.05 -15.22 21.52
CA LEU B 88 -28.35 -16.62 21.74
C LEU B 88 -28.00 -17.01 23.16
N ALA B 89 -26.89 -16.45 23.65
CA ALA B 89 -26.36 -16.70 24.99
C ALA B 89 -27.30 -16.27 26.08
N ALA B 90 -28.05 -15.20 25.85
CA ALA B 90 -28.99 -14.74 26.85
C ALA B 90 -30.38 -15.35 26.74
N GLY B 91 -30.60 -16.25 25.79
CA GLY B 91 -31.92 -16.86 25.75
C GLY B 91 -32.75 -16.78 24.48
N LEU B 92 -32.44 -15.86 23.59
CA LEU B 92 -33.23 -15.76 22.38
C LEU B 92 -33.08 -17.03 21.51
N ASP B 93 -34.18 -17.74 21.29
CA ASP B 93 -34.20 -18.97 20.50
C ASP B 93 -34.27 -18.65 19.06
N PRO B 94 -33.48 -19.36 18.26
CA PRO B 94 -33.43 -19.16 16.81
C PRO B 94 -34.78 -19.50 16.19
N GLN B 95 -35.64 -20.14 16.99
CA GLN B 95 -36.95 -20.59 16.55
C GLN B 95 -38.02 -19.59 16.86
N LYS B 96 -37.70 -18.64 17.75
CA LYS B 96 -38.67 -17.63 18.16
C LYS B 96 -38.30 -16.21 17.82
N THR B 97 -37.05 -15.97 17.45
CA THR B 97 -36.65 -14.61 17.14
C THR B 97 -36.19 -14.41 15.71
N THR B 98 -36.33 -13.18 15.19
CA THR B 98 -35.88 -12.88 13.84
C THR B 98 -34.75 -11.87 13.90
N CYS B 99 -33.53 -12.39 13.84
CA CYS B 99 -32.35 -11.57 13.88
C CYS B 99 -32.11 -11.02 12.48
N VAL B 100 -32.02 -9.70 12.32
CA VAL B 100 -31.80 -9.10 10.99
C VAL B 100 -30.53 -8.23 10.84
N VAL B 101 -29.76 -8.48 9.78
CA VAL B 101 -28.54 -7.72 9.53
C VAL B 101 -28.93 -6.52 8.69
N GLN B 102 -29.08 -5.39 9.36
CA GLN B 102 -29.49 -4.19 8.68
C GLN B 102 -28.89 -3.97 7.32
N SER B 103 -27.59 -4.09 7.21
CA SER B 103 -26.99 -3.84 5.92
C SER B 103 -27.42 -4.80 4.84
N ALA B 104 -27.86 -6.00 5.25
CA ALA B 104 -28.30 -7.05 4.32
C ALA B 104 -29.66 -6.81 3.72
N VAL B 105 -30.31 -5.75 4.16
CA VAL B 105 -31.60 -5.42 3.62
C VAL B 105 -31.58 -3.93 3.24
N PRO B 106 -31.19 -3.64 1.99
CA PRO B 106 -31.09 -2.32 1.38
C PRO B 106 -32.41 -1.55 1.33
N GLU B 107 -33.55 -2.27 1.22
CA GLU B 107 -34.84 -1.60 1.17
C GLU B 107 -34.98 -0.61 2.31
N LEU B 108 -34.18 -0.82 3.33
CA LEU B 108 -34.24 0.04 4.47
C LEU B 108 -33.73 1.37 4.04
N ALA B 109 -32.64 1.41 3.28
CA ALA B 109 -32.12 2.70 2.86
C ALA B 109 -33.09 3.37 1.95
N GLU B 110 -33.56 2.63 0.96
CA GLU B 110 -34.48 3.24 0.03
C GLU B 110 -35.59 3.92 0.81
N LEU B 111 -36.06 3.31 1.89
CA LEU B 111 -37.16 3.96 2.57
C LEU B 111 -36.65 5.15 3.32
N THR B 112 -35.40 5.12 3.76
CA THR B 112 -34.93 6.25 4.54
C THR B 112 -34.82 7.45 3.69
N VAL B 113 -34.45 7.27 2.45
CA VAL B 113 -34.35 8.44 1.65
C VAL B 113 -35.73 9.06 1.46
N TYR B 114 -36.77 8.23 1.34
CA TYR B 114 -38.12 8.78 1.16
C TYR B 114 -38.56 9.51 2.44
N PHE B 115 -38.29 8.93 3.60
CA PHE B 115 -38.67 9.58 4.84
C PHE B 115 -37.93 10.90 5.05
N LEU B 116 -36.78 11.04 4.41
CA LEU B 116 -36.01 12.27 4.57
C LEU B 116 -36.74 13.51 4.14
N ASN B 117 -37.79 13.35 3.34
CA ASN B 117 -38.57 14.50 2.86
C ASN B 117 -39.77 14.78 3.80
N LEU B 118 -40.02 13.82 4.71
CA LEU B 118 -41.12 13.96 5.62
C LEU B 118 -40.70 14.63 6.91
N VAL B 119 -39.45 15.05 7.02
CA VAL B 119 -39.03 15.72 8.24
C VAL B 119 -38.13 16.89 7.90
N THR B 120 -37.98 17.81 8.85
CA THR B 120 -37.17 18.99 8.63
C THR B 120 -35.95 19.00 9.51
N VAL B 121 -34.91 19.65 9.00
CA VAL B 121 -33.64 19.78 9.70
C VAL B 121 -33.94 20.41 11.03
N SER B 122 -35.00 21.19 11.03
CA SER B 122 -35.43 21.84 12.25
C SER B 122 -35.83 20.79 13.29
N HIS B 123 -36.92 20.07 13.03
CA HIS B 123 -37.42 19.06 13.96
C HIS B 123 -36.31 18.10 14.30
N LEU B 124 -35.32 18.07 13.42
CA LEU B 124 -34.16 17.20 13.54
C LEU B 124 -33.06 17.82 14.37
N ARG B 125 -32.78 19.10 14.16
CA ARG B 125 -31.74 19.79 14.90
C ARG B 125 -32.23 19.96 16.32
N GLN B 126 -33.54 19.76 16.50
CA GLN B 126 -34.18 19.92 17.79
C GLN B 126 -34.33 18.66 18.64
N ASN B 127 -33.90 17.52 18.10
CA ASN B 127 -34.01 16.27 18.84
C ASN B 127 -33.16 16.34 20.09
N PRO B 128 -33.76 16.04 21.27
CA PRO B 128 -33.13 16.05 22.59
C PRO B 128 -31.96 15.08 22.80
N THR B 129 -32.17 13.83 22.40
CA THR B 129 -31.14 12.83 22.54
C THR B 129 -29.99 13.05 21.59
N VAL B 130 -30.31 13.03 20.30
CA VAL B 130 -29.30 13.22 19.26
C VAL B 130 -28.41 14.43 19.60
N LYS B 131 -29.03 15.58 19.85
CA LYS B 131 -28.30 16.80 20.19
C LYS B 131 -27.36 16.52 21.35
N ALA B 132 -27.86 15.75 22.31
CA ALA B 132 -27.13 15.35 23.50
C ALA B 132 -25.93 14.46 23.16
N GLU B 133 -26.13 13.51 22.26
CA GLU B 133 -25.06 12.61 21.85
C GLU B 133 -24.05 13.36 21.01
N ILE B 134 -24.52 14.43 20.38
CA ILE B 134 -23.65 15.26 19.54
C ILE B 134 -22.53 15.99 20.35
N ALA B 135 -22.93 16.66 21.44
CA ALA B 135 -22.02 17.45 22.29
C ALA B 135 -21.02 16.56 23.02
N GLN B 136 -21.52 15.38 23.37
CA GLN B 136 -20.76 14.36 24.07
C GLN B 136 -19.79 13.67 23.13
N LYS B 137 -19.66 14.22 21.92
CA LYS B 137 -18.74 13.67 20.93
C LYS B 137 -18.02 14.82 20.27
N GLY B 138 -18.32 16.03 20.74
CA GLY B 138 -17.69 17.24 20.25
C GLY B 138 -17.69 17.41 18.75
N TYR B 139 -18.85 17.20 18.15
CA TYR B 139 -18.92 17.35 16.72
C TYR B 139 -19.04 18.85 16.48
N GLY B 140 -19.73 19.54 17.37
CA GLY B 140 -19.91 20.97 17.16
C GLY B 140 -20.98 21.02 16.09
N GLU B 141 -20.86 21.93 15.13
CA GLU B 141 -21.85 22.02 14.06
C GLU B 141 -21.46 21.10 12.92
N ARG B 142 -20.20 20.67 12.90
CA ARG B 142 -19.72 19.76 11.87
C ARG B 142 -20.09 18.32 12.23
N VAL B 143 -21.38 18.04 12.37
CA VAL B 143 -21.83 16.69 12.71
C VAL B 143 -21.91 15.87 11.42
N PRO B 144 -21.72 14.55 11.50
CA PRO B 144 -21.78 13.67 10.32
C PRO B 144 -23.21 13.52 9.88
N ALA B 145 -23.49 13.95 8.67
CA ALA B 145 -24.86 13.91 8.21
C ALA B 145 -25.60 12.65 8.58
N GLY B 146 -25.02 11.52 8.19
CA GLY B 146 -25.63 10.25 8.46
C GLY B 146 -26.03 10.08 9.91
N PHE B 147 -25.26 10.68 10.80
CA PHE B 147 -25.55 10.60 12.21
C PHE B 147 -26.68 11.55 12.54
N PHE B 148 -26.61 12.75 11.99
CA PHE B 148 -27.63 13.79 12.22
C PHE B 148 -29.02 13.28 11.84
N VAL B 149 -29.06 12.37 10.88
CA VAL B 149 -30.30 11.85 10.38
C VAL B 149 -30.69 10.46 10.87
N TYR B 150 -29.85 9.86 11.71
CA TYR B 150 -30.11 8.50 12.18
C TYR B 150 -31.53 8.24 12.71
N PRO B 151 -32.17 9.26 13.29
CA PRO B 151 -33.51 8.96 13.79
C PRO B 151 -34.48 8.54 12.69
N VAL B 152 -34.26 9.01 11.47
CA VAL B 152 -35.18 8.68 10.37
C VAL B 152 -34.88 7.36 9.71
N SER B 153 -33.63 6.95 9.72
CA SER B 153 -33.33 5.65 9.16
C SER B 153 -33.85 4.64 10.19
N GLN B 154 -34.14 5.11 11.42
CA GLN B 154 -34.68 4.19 12.45
C GLN B 154 -36.17 4.03 12.15
N ALA B 155 -36.82 5.17 11.99
CA ALA B 155 -38.22 5.15 11.68
C ALA B 155 -38.34 4.22 10.47
N ALA B 156 -37.44 4.42 9.52
CA ALA B 156 -37.42 3.62 8.32
C ALA B 156 -37.39 2.11 8.58
N ASP B 157 -36.68 1.70 9.63
CA ASP B 157 -36.57 0.27 9.99
C ASP B 157 -37.92 -0.18 10.59
N ILE B 158 -38.40 0.58 11.56
CA ILE B 158 -39.67 0.27 12.20
C ILE B 158 -40.78 0.17 11.15
N ALA B 159 -40.82 1.15 10.27
CA ALA B 159 -41.82 1.20 9.24
C ALA B 159 -41.74 0.01 8.32
N ALA B 160 -40.61 -0.16 7.67
CA ALA B 160 -40.52 -1.28 6.75
C ALA B 160 -40.68 -2.68 7.34
N PHE B 161 -40.54 -2.85 8.67
CA PHE B 161 -40.65 -4.17 9.29
C PHE B 161 -42.02 -4.38 9.87
N GLY B 162 -42.87 -3.39 9.62
CA GLY B 162 -44.24 -3.45 10.08
C GLY B 162 -44.30 -3.62 11.58
N ALA B 163 -43.48 -2.83 12.26
CA ALA B 163 -43.43 -2.89 13.70
C ALA B 163 -44.57 -2.08 14.28
N THR B 164 -45.32 -2.70 15.18
CA THR B 164 -46.46 -2.07 15.85
C THR B 164 -46.14 -1.70 17.30
N LEU B 165 -45.18 -2.37 17.91
CA LEU B 165 -44.83 -2.09 19.27
C LEU B 165 -43.34 -2.03 19.29
N VAL B 166 -42.84 -1.07 20.05
CA VAL B 166 -41.41 -0.84 20.23
C VAL B 166 -40.90 -0.49 21.65
N PRO B 167 -40.09 -1.40 22.28
CA PRO B 167 -39.55 -1.15 23.62
C PRO B 167 -38.79 0.14 23.53
N VAL B 168 -38.84 0.90 24.61
CA VAL B 168 -38.19 2.19 24.63
C VAL B 168 -37.75 2.71 26.01
N GLY B 169 -36.62 3.41 26.04
CA GLY B 169 -36.13 3.99 27.28
C GLY B 169 -36.68 5.38 27.26
N ASP B 170 -36.22 6.26 28.16
CA ASP B 170 -36.66 7.66 28.22
C ASP B 170 -36.04 8.54 27.11
N ASP B 171 -34.80 8.21 26.73
CA ASP B 171 -34.07 8.95 25.67
C ASP B 171 -34.35 8.37 24.28
N GLN B 172 -35.41 7.58 24.17
CA GLN B 172 -35.80 6.99 22.90
C GLN B 172 -37.18 7.53 22.49
N LEU B 173 -37.98 7.98 23.45
CA LEU B 173 -39.29 8.53 23.14
C LEU B 173 -39.21 9.57 22.04
N PRO B 174 -38.25 10.51 22.15
CA PRO B 174 -38.06 11.56 21.15
C PRO B 174 -37.76 11.01 19.79
N MET B 175 -37.42 9.74 19.74
CA MET B 175 -37.14 9.14 18.47
C MET B 175 -38.38 8.32 18.03
N LEU B 176 -38.85 7.41 18.89
CA LEU B 176 -40.02 6.61 18.56
C LEU B 176 -41.24 7.51 18.36
N GLU B 177 -41.08 8.78 18.73
CA GLU B 177 -42.17 9.75 18.59
C GLU B 177 -42.03 10.43 17.25
N GLN B 178 -40.81 10.52 16.75
CA GLN B 178 -40.62 11.15 15.46
C GLN B 178 -40.99 10.13 14.43
N THR B 179 -40.90 8.86 14.79
CA THR B 179 -41.28 7.79 13.88
C THR B 179 -42.79 7.91 13.64
N ARG B 180 -43.57 7.83 14.71
CA ARG B 180 -45.03 7.94 14.59
C ARG B 180 -45.37 9.16 13.75
N GLU B 181 -44.65 10.22 14.00
CA GLU B 181 -44.86 11.45 13.27
C GLU B 181 -44.73 11.17 11.79
N ILE B 182 -43.53 10.74 11.39
CA ILE B 182 -43.22 10.47 9.99
C ILE B 182 -44.21 9.52 9.40
N VAL B 183 -44.54 8.50 10.17
CA VAL B 183 -45.52 7.57 9.66
C VAL B 183 -46.84 8.26 9.33
N ARG B 184 -47.28 9.14 10.22
CA ARG B 184 -48.54 9.84 10.02
C ARG B 184 -48.47 10.71 8.81
N ARG B 185 -47.35 11.38 8.66
CA ARG B 185 -47.19 12.24 7.53
C ARG B 185 -47.26 11.42 6.24
N PHE B 186 -46.66 10.24 6.26
CA PHE B 186 -46.64 9.37 5.07
C PHE B 186 -48.02 8.91 4.70
N ASN B 187 -48.68 8.25 5.63
CA ASN B 187 -50.03 7.82 5.38
C ASN B 187 -50.94 8.97 4.94
N ALA B 188 -50.64 10.20 5.39
CA ALA B 188 -51.43 11.42 5.05
C ALA B 188 -51.07 12.02 3.70
N LEU B 189 -49.86 11.77 3.27
CA LEU B 189 -49.41 12.30 2.01
C LEU B 189 -49.69 11.29 0.93
N TYR B 190 -49.61 10.01 1.28
CA TYR B 190 -49.85 8.90 0.34
C TYR B 190 -50.68 7.78 1.00
N ALA B 191 -51.27 6.94 0.17
CA ALA B 191 -52.06 5.82 0.65
C ALA B 191 -51.58 5.33 2.01
N PRO B 192 -52.45 5.35 3.01
CA PRO B 192 -52.14 4.91 4.36
C PRO B 192 -51.73 3.44 4.41
N VAL B 193 -50.51 3.10 4.01
CA VAL B 193 -50.14 1.71 4.06
C VAL B 193 -49.22 1.39 5.23
N LEU B 194 -48.73 2.41 5.90
CA LEU B 194 -47.84 2.19 7.03
C LEU B 194 -48.57 2.17 8.37
N ALA B 195 -48.07 1.38 9.32
CA ALA B 195 -48.70 1.31 10.63
C ALA B 195 -48.01 2.21 11.64
N GLU B 196 -48.78 2.72 12.60
CA GLU B 196 -48.23 3.59 13.63
C GLU B 196 -47.74 2.68 14.74
N PRO B 197 -46.49 2.85 15.14
CA PRO B 197 -45.98 2.00 16.21
C PRO B 197 -46.22 2.59 17.56
N GLN B 198 -46.42 1.73 18.55
CA GLN B 198 -46.62 2.19 19.92
C GLN B 198 -45.38 1.80 20.73
N ALA B 199 -45.15 2.53 21.81
CA ALA B 199 -43.99 2.26 22.62
C ALA B 199 -44.23 1.32 23.79
N GLN B 200 -43.15 0.86 24.35
CA GLN B 200 -43.21 0.00 25.51
C GLN B 200 -42.14 0.66 26.37
N LEU B 201 -42.56 1.38 27.41
CA LEU B 201 -41.59 2.09 28.25
C LEU B 201 -40.93 1.36 29.44
N SER B 202 -39.82 1.96 29.86
CA SER B 202 -38.99 1.52 30.97
C SER B 202 -38.50 2.82 31.63
N ARG B 203 -39.18 3.21 32.71
CA ARG B 203 -38.85 4.43 33.45
C ARG B 203 -37.51 4.42 34.17
N VAL B 204 -37.20 3.33 34.89
CA VAL B 204 -35.92 3.21 35.59
C VAL B 204 -35.10 1.96 35.19
N PRO B 205 -34.61 1.90 33.92
CA PRO B 205 -33.81 0.74 33.47
C PRO B 205 -32.29 0.95 33.66
N ARG B 206 -31.80 2.09 33.19
CA ARG B 206 -30.39 2.47 33.26
C ARG B 206 -29.72 1.72 34.39
N LEU B 207 -28.76 0.88 34.03
CA LEU B 207 -28.03 0.12 35.04
C LEU B 207 -26.76 0.91 35.49
N PRO B 208 -26.38 0.78 36.77
CA PRO B 208 -25.21 1.48 37.31
C PRO B 208 -23.83 1.14 36.66
N GLY B 209 -22.76 1.62 37.28
CA GLY B 209 -21.44 1.28 36.82
C GLY B 209 -20.83 0.54 37.99
N LEU B 210 -20.06 -0.51 37.75
CA LEU B 210 -19.44 -1.22 38.86
C LEU B 210 -18.95 -0.20 39.88
N ASP B 211 -18.30 0.87 39.39
CA ASP B 211 -17.74 1.91 40.24
C ASP B 211 -18.48 3.25 40.28
N GLY B 212 -19.80 3.18 40.37
CA GLY B 212 -20.62 4.38 40.41
C GLY B 212 -20.60 5.10 39.08
N GLN B 213 -19.40 5.17 38.48
CA GLN B 213 -19.16 5.82 37.20
C GLN B 213 -20.44 5.71 36.39
N ALA B 214 -20.79 6.78 35.66
CA ALA B 214 -21.99 6.84 34.81
C ALA B 214 -22.39 5.49 34.16
N LYS B 215 -21.42 4.75 33.65
CA LYS B 215 -21.74 3.49 32.96
C LYS B 215 -20.92 2.23 33.22
N MET B 216 -21.01 1.38 32.20
CA MET B 216 -20.34 0.11 32.15
C MET B 216 -19.78 0.04 30.72
N SER B 217 -18.59 0.61 30.52
CA SER B 217 -17.94 0.60 29.20
C SER B 217 -16.80 -0.41 29.13
N LYS B 218 -16.76 -1.14 28.01
CA LYS B 218 -15.73 -2.14 27.75
C LYS B 218 -14.35 -1.53 27.94
N SER B 219 -14.27 -0.23 27.60
CA SER B 219 -13.08 0.62 27.66
C SER B 219 -12.60 1.07 29.06
N LEU B 220 -13.51 1.10 30.03
CA LEU B 220 -13.17 1.52 31.40
C LEU B 220 -12.81 0.42 32.40
N GLY B 221 -12.80 -0.83 31.93
CA GLY B 221 -12.50 -1.96 32.80
C GLY B 221 -13.56 -1.96 33.88
N ASN B 222 -14.54 -1.07 33.69
CA ASN B 222 -15.67 -0.85 34.58
C ASN B 222 -16.93 -1.45 33.99
N ALA B 223 -16.77 -2.66 33.49
CA ALA B 223 -17.87 -3.38 32.88
C ALA B 223 -17.69 -4.84 33.13
N ILE B 224 -18.75 -5.59 32.96
CA ILE B 224 -18.67 -7.02 33.12
C ILE B 224 -19.53 -7.58 32.01
N ALA B 225 -18.91 -8.41 31.18
CA ALA B 225 -19.60 -9.00 30.04
C ALA B 225 -20.14 -10.38 30.31
N LEU B 226 -21.09 -10.75 29.47
CA LEU B 226 -21.73 -12.04 29.54
C LEU B 226 -20.77 -13.16 29.14
N GLY B 227 -19.52 -12.81 28.93
CA GLY B 227 -18.55 -13.80 28.55
C GLY B 227 -17.35 -13.87 29.46
N ASP B 228 -17.47 -13.32 30.67
CA ASP B 228 -16.38 -13.33 31.64
C ASP B 228 -16.53 -14.58 32.51
N SER B 229 -15.50 -14.89 33.29
CA SER B 229 -15.51 -16.08 34.17
C SER B 229 -16.16 -15.95 35.54
N ALA B 230 -16.77 -17.05 35.96
CA ALA B 230 -17.42 -17.10 37.26
C ALA B 230 -16.47 -16.52 38.30
N ASP B 231 -15.21 -16.97 38.27
CA ASP B 231 -14.20 -16.51 39.22
C ASP B 231 -13.85 -15.04 38.97
N GLU B 232 -13.84 -14.65 37.70
CA GLU B 232 -13.53 -13.28 37.30
C GLU B 232 -14.65 -12.35 37.69
N VAL B 233 -15.81 -12.95 37.90
CA VAL B 233 -17.02 -12.21 38.27
C VAL B 233 -17.13 -12.01 39.79
N ALA B 234 -17.03 -13.10 40.53
CA ALA B 234 -17.12 -13.02 41.99
C ALA B 234 -16.11 -11.96 42.46
N ARG B 235 -14.88 -12.08 42.00
CA ARG B 235 -13.82 -11.14 42.37
C ARG B 235 -14.03 -9.79 41.68
N LYS B 236 -14.94 -9.78 40.71
CA LYS B 236 -15.26 -8.57 39.98
C LYS B 236 -16.09 -7.74 40.96
N VAL B 237 -17.12 -8.40 41.49
CA VAL B 237 -18.05 -7.83 42.45
C VAL B 237 -17.28 -7.32 43.66
N MET B 238 -16.63 -8.26 44.34
CA MET B 238 -15.79 -8.05 45.54
C MET B 238 -15.10 -6.67 45.54
N GLY B 239 -14.57 -6.31 44.36
CA GLY B 239 -13.90 -5.05 44.13
C GLY B 239 -14.81 -3.90 43.70
N MET B 240 -16.11 -4.10 43.92
CA MET B 240 -17.14 -3.11 43.58
C MET B 240 -17.30 -1.98 44.58
N TYR B 241 -17.86 -0.87 44.10
CA TYR B 241 -18.02 0.33 44.91
C TYR B 241 -19.29 0.46 45.75
N THR B 242 -19.25 0.11 47.03
CA THR B 242 -20.43 0.25 47.90
C THR B 242 -20.62 1.73 48.40
N ASP B 243 -20.07 2.07 49.56
CA ASP B 243 -20.19 3.43 50.09
C ASP B 243 -19.11 3.64 51.16
N PRO B 244 -18.44 4.83 51.18
CA PRO B 244 -17.38 5.24 52.12
C PRO B 244 -17.84 5.32 53.61
N GLY B 245 -19.16 5.53 53.78
CA GLY B 245 -19.78 5.61 55.09
C GLY B 245 -19.70 4.28 55.84
N HIS B 246 -19.88 3.16 55.13
CA HIS B 246 -19.79 1.84 55.78
C HIS B 246 -18.32 1.48 55.96
N LEU B 247 -17.93 1.24 57.21
CA LEU B 247 -16.55 0.89 57.57
C LEU B 247 -16.41 -0.59 58.01
N ARG B 248 -17.32 -1.02 58.90
CA ARG B 248 -17.40 -2.39 59.41
C ARG B 248 -18.88 -2.86 59.32
N ALA B 249 -19.07 -4.16 59.09
CA ALA B 249 -20.39 -4.80 58.93
C ALA B 249 -21.46 -4.35 59.92
N SER B 250 -21.05 -3.66 60.97
CA SER B 250 -21.94 -3.17 62.02
C SER B 250 -22.82 -1.97 61.64
N ASP B 251 -22.15 -0.93 61.21
CA ASP B 251 -22.81 0.30 60.86
C ASP B 251 -23.99 0.13 59.91
N PRO B 252 -24.95 1.06 59.97
CA PRO B 252 -26.14 1.02 59.11
C PRO B 252 -25.69 1.50 57.69
N GLY B 253 -25.96 0.71 56.65
CA GLY B 253 -25.57 1.10 55.31
C GLY B 253 -26.75 1.57 54.49
N ARG B 254 -26.55 2.46 53.52
CA ARG B 254 -27.70 2.90 52.73
C ARG B 254 -27.66 2.36 51.29
N VAL B 255 -28.79 1.77 50.89
CA VAL B 255 -28.98 1.22 49.56
C VAL B 255 -28.61 2.23 48.43
N GLU B 256 -28.86 3.51 48.70
CA GLU B 256 -28.64 4.64 47.78
C GLU B 256 -27.21 4.71 47.19
N GLY B 257 -27.16 4.57 45.87
CA GLY B 257 -25.90 4.63 45.14
C GLY B 257 -25.19 3.30 45.12
N ASN B 258 -25.25 2.59 46.24
CA ASN B 258 -24.58 1.32 46.33
C ASN B 258 -24.91 0.41 45.17
N PRO B 259 -24.00 0.35 44.17
CA PRO B 259 -24.19 -0.48 42.98
C PRO B 259 -24.51 -1.91 43.32
N VAL B 260 -23.98 -2.42 44.42
CA VAL B 260 -24.26 -3.81 44.82
C VAL B 260 -25.76 -4.02 45.09
N PHE B 261 -26.45 -2.92 45.41
CA PHE B 261 -27.88 -2.95 45.66
C PHE B 261 -28.59 -2.80 44.34
N THR B 262 -28.42 -1.65 43.68
CA THR B 262 -29.06 -1.44 42.38
C THR B 262 -28.82 -2.66 41.45
N PHE B 263 -27.72 -3.36 41.70
CA PHE B 263 -27.33 -4.56 40.95
C PHE B 263 -28.24 -5.71 41.42
N LEU B 264 -28.19 -5.93 42.72
CA LEU B 264 -28.92 -6.97 43.43
C LEU B 264 -30.40 -7.05 43.09
N ASP B 265 -31.07 -5.91 43.19
CA ASP B 265 -32.50 -5.78 42.94
C ASP B 265 -32.86 -5.96 41.45
N ALA B 266 -31.87 -6.03 40.57
CA ALA B 266 -32.19 -6.17 39.16
C ALA B 266 -31.91 -7.56 38.62
N PHE B 267 -31.03 -8.30 39.31
CA PHE B 267 -30.67 -9.65 38.89
C PHE B 267 -31.27 -10.78 39.71
N ASP B 268 -31.24 -10.68 41.04
CA ASP B 268 -31.82 -11.73 41.88
C ASP B 268 -33.33 -11.76 41.56
N PRO B 269 -34.01 -12.91 41.80
CA PRO B 269 -35.45 -13.05 41.54
C PRO B 269 -36.50 -12.19 42.33
N ASP B 270 -36.76 -12.54 43.61
CA ASP B 270 -37.73 -11.84 44.50
C ASP B 270 -37.23 -10.55 45.15
N PRO B 271 -37.98 -9.44 44.98
CA PRO B 271 -37.60 -8.14 45.55
C PRO B 271 -37.67 -8.12 47.06
N ALA B 272 -38.35 -9.13 47.58
CA ALA B 272 -38.53 -9.30 49.02
C ALA B 272 -37.18 -9.59 49.70
N ARG B 273 -36.47 -10.58 49.18
CA ARG B 273 -35.17 -10.92 49.74
C ARG B 273 -34.23 -9.72 49.59
N VAL B 274 -34.44 -8.92 48.54
CA VAL B 274 -33.63 -7.71 48.27
C VAL B 274 -33.86 -6.66 49.36
N GLN B 275 -35.12 -6.24 49.51
CA GLN B 275 -35.52 -5.28 50.52
C GLN B 275 -35.35 -5.93 51.91
N ALA B 276 -34.83 -7.15 51.92
CA ALA B 276 -34.57 -7.89 53.15
C ALA B 276 -33.22 -7.35 53.61
N LEU B 277 -32.25 -7.54 52.74
CA LEU B 277 -30.89 -7.11 53.03
C LEU B 277 -30.80 -5.59 53.17
N LYS B 278 -31.69 -4.86 52.50
CA LYS B 278 -31.69 -3.38 52.55
C LYS B 278 -32.06 -2.81 53.92
N ASP B 279 -32.78 -3.64 54.68
CA ASP B 279 -33.29 -3.38 56.04
C ASP B 279 -32.25 -3.81 57.09
N GLN B 280 -31.51 -4.84 56.72
CA GLN B 280 -30.47 -5.45 57.53
C GLN B 280 -29.14 -4.73 57.28
N TYR B 281 -29.02 -4.13 56.10
CA TYR B 281 -27.85 -3.36 55.66
C TYR B 281 -27.89 -1.97 56.33
N ARG B 282 -29.07 -1.32 56.24
CA ARG B 282 -29.33 0.02 56.80
C ARG B 282 -29.42 -0.03 58.32
N ALA B 283 -29.43 -1.25 58.85
CA ALA B 283 -29.50 -1.50 60.28
C ALA B 283 -28.10 -1.78 60.88
N GLY B 284 -27.64 -3.03 60.78
CA GLY B 284 -26.35 -3.43 61.32
C GLY B 284 -26.10 -4.92 61.58
N GLY B 285 -25.19 -5.52 60.82
CA GLY B 285 -24.91 -6.94 61.01
C GLY B 285 -24.75 -7.59 59.64
N LEU B 286 -25.08 -6.81 58.61
CA LEU B 286 -24.98 -7.22 57.20
C LEU B 286 -23.84 -6.43 56.51
N GLY B 287 -22.61 -6.97 56.58
CA GLY B 287 -21.44 -6.34 55.98
C GLY B 287 -21.37 -6.42 54.45
N ASP B 288 -20.75 -5.40 53.83
CA ASP B 288 -20.59 -5.33 52.37
C ASP B 288 -20.04 -6.66 51.89
N VAL B 289 -19.20 -7.23 52.73
CA VAL B 289 -18.60 -8.52 52.46
C VAL B 289 -19.74 -9.44 52.08
N LYS B 290 -20.59 -9.74 53.05
CA LYS B 290 -21.71 -10.65 52.84
C LYS B 290 -22.62 -10.19 51.73
N VAL B 291 -22.89 -8.88 51.69
CA VAL B 291 -23.80 -8.36 50.67
C VAL B 291 -23.25 -8.77 49.30
N LYS B 292 -22.06 -8.25 48.97
CA LYS B 292 -21.36 -8.53 47.72
C LYS B 292 -21.27 -10.03 47.56
N LYS B 293 -20.93 -10.68 48.66
CA LYS B 293 -20.81 -12.11 48.69
C LYS B 293 -22.04 -12.79 48.05
N HIS B 294 -23.19 -12.11 48.14
CA HIS B 294 -24.43 -12.62 47.57
C HIS B 294 -24.41 -12.24 46.08
N LEU B 295 -24.28 -10.94 45.85
CA LEU B 295 -24.24 -10.37 44.51
C LEU B 295 -23.41 -11.25 43.56
N ILE B 296 -22.50 -12.05 44.10
CA ILE B 296 -21.68 -12.89 43.26
C ILE B 296 -22.37 -14.20 43.00
N ASP B 297 -22.90 -14.79 44.05
CA ASP B 297 -23.57 -16.04 43.84
C ASP B 297 -24.82 -15.77 43.01
N VAL B 298 -25.28 -14.52 43.00
CA VAL B 298 -26.48 -14.14 42.26
C VAL B 298 -26.09 -13.91 40.81
N LEU B 299 -24.98 -13.21 40.63
CA LEU B 299 -24.52 -12.92 39.30
C LEU B 299 -24.02 -14.23 38.70
N ASN B 300 -23.80 -15.24 39.55
CA ASN B 300 -23.29 -16.54 39.08
C ASN B 300 -24.32 -17.56 38.75
N GLY B 301 -25.46 -17.44 39.41
CA GLY B 301 -26.55 -18.36 39.14
C GLY B 301 -27.18 -17.91 37.84
N VAL B 302 -27.12 -16.60 37.59
CA VAL B 302 -27.68 -16.03 36.39
C VAL B 302 -26.74 -16.17 35.18
N LEU B 303 -25.44 -15.95 35.38
CA LEU B 303 -24.49 -16.07 34.26
C LEU B 303 -24.21 -17.51 33.89
N ALA B 304 -24.50 -18.41 34.83
CA ALA B 304 -24.26 -19.85 34.68
C ALA B 304 -24.90 -20.49 33.44
N PRO B 305 -26.20 -20.26 33.24
CA PRO B 305 -26.93 -20.81 32.09
C PRO B 305 -26.40 -20.27 30.78
N ILE B 306 -26.44 -18.94 30.68
CA ILE B 306 -25.99 -18.17 29.53
C ILE B 306 -24.53 -18.51 29.25
N ARG B 307 -23.73 -18.60 30.29
CA ARG B 307 -22.30 -18.91 30.15
C ARG B 307 -22.14 -20.26 29.43
N THR B 308 -23.20 -21.05 29.52
CA THR B 308 -23.21 -22.37 28.94
C THR B 308 -23.65 -22.34 27.49
N ARG B 309 -24.70 -21.62 27.20
CA ARG B 309 -25.15 -21.63 25.82
C ARG B 309 -24.04 -21.19 24.90
N ARG B 310 -23.42 -20.07 25.27
CA ARG B 310 -22.34 -19.47 24.53
C ARG B 310 -21.35 -20.58 24.26
N ALA B 311 -21.06 -21.33 25.32
CA ALA B 311 -20.14 -22.45 25.23
C ALA B 311 -20.51 -23.46 24.09
N GLU B 312 -21.81 -23.69 23.87
CA GLU B 312 -22.28 -24.63 22.85
C GLU B 312 -22.39 -24.06 21.43
N TYR B 313 -22.50 -22.74 21.36
CA TYR B 313 -22.56 -22.03 20.08
C TYR B 313 -21.16 -21.73 19.57
N GLU B 314 -20.27 -21.27 20.46
CA GLU B 314 -18.91 -21.01 20.03
C GLU B 314 -18.44 -22.30 19.46
N ARG B 315 -18.80 -23.40 20.10
CA ARG B 315 -18.39 -24.70 19.61
C ARG B 315 -19.11 -25.09 18.30
N ASP B 316 -20.20 -24.39 18.00
CA ASP B 316 -21.02 -24.62 16.80
C ASP B 316 -21.11 -23.29 16.04
N PRO B 317 -20.03 -22.90 15.36
CA PRO B 317 -19.96 -21.66 14.61
C PRO B 317 -21.06 -21.46 13.57
N ASP B 318 -21.38 -22.54 12.88
CA ASP B 318 -22.37 -22.52 11.80
C ASP B 318 -23.79 -22.21 12.26
N ALA B 319 -24.03 -22.33 13.55
CA ALA B 319 -25.36 -22.05 14.04
C ALA B 319 -25.59 -20.56 13.95
N VAL B 320 -24.79 -19.80 14.69
CA VAL B 320 -24.91 -18.34 14.72
C VAL B 320 -25.08 -17.76 13.31
N LEU B 321 -24.36 -18.29 12.33
CA LEU B 321 -24.49 -17.79 10.96
C LEU B 321 -25.86 -18.09 10.37
N ARG B 322 -26.38 -19.29 10.61
CA ARG B 322 -27.70 -19.64 10.09
C ARG B 322 -28.75 -18.78 10.78
N PHE B 323 -28.54 -18.53 12.07
CA PHE B 323 -29.45 -17.71 12.88
C PHE B 323 -29.70 -16.36 12.21
N VAL B 324 -28.62 -15.63 11.88
CA VAL B 324 -28.74 -14.33 11.23
C VAL B 324 -29.03 -14.42 9.72
N THR B 325 -28.43 -15.38 9.03
CA THR B 325 -28.68 -15.46 7.60
C THR B 325 -30.12 -15.74 7.28
N GLU B 326 -30.73 -16.69 7.97
CA GLU B 326 -32.13 -17.04 7.72
C GLU B 326 -33.11 -15.99 8.24
N GLY B 327 -32.68 -15.26 9.26
CA GLY B 327 -33.52 -14.21 9.83
C GLY B 327 -33.45 -13.00 8.92
N THR B 328 -32.25 -12.70 8.44
CA THR B 328 -32.10 -11.56 7.57
C THR B 328 -32.99 -11.82 6.37
N ALA B 329 -32.86 -12.98 5.76
CA ALA B 329 -33.68 -13.33 4.60
C ALA B 329 -35.15 -13.25 4.96
N ARG B 330 -35.45 -13.55 6.23
CA ARG B 330 -36.82 -13.51 6.73
C ARG B 330 -37.23 -12.07 6.76
N GLY B 331 -36.42 -11.25 7.41
CA GLY B 331 -36.73 -9.85 7.54
C GLY B 331 -36.86 -9.20 6.18
N ARG B 332 -35.91 -9.51 5.31
CA ARG B 332 -35.90 -8.94 3.97
C ARG B 332 -37.18 -9.31 3.29
N GLU B 333 -37.65 -10.53 3.50
CA GLU B 333 -38.87 -10.90 2.84
C GLU B 333 -39.97 -9.91 3.18
N VAL B 334 -40.00 -9.47 4.44
CA VAL B 334 -40.99 -8.52 4.97
C VAL B 334 -40.75 -7.10 4.52
N ALA B 335 -39.55 -6.63 4.81
CA ALA B 335 -39.20 -5.29 4.43
C ALA B 335 -39.58 -5.04 2.98
N ALA B 336 -39.47 -6.07 2.12
CA ALA B 336 -39.77 -5.92 0.69
C ALA B 336 -41.24 -5.71 0.48
N GLN B 337 -42.03 -6.48 1.21
CA GLN B 337 -43.48 -6.41 1.11
C GLN B 337 -43.88 -4.97 1.35
N THR B 338 -43.34 -4.39 2.41
CA THR B 338 -43.65 -3.01 2.76
C THR B 338 -43.30 -2.04 1.67
N LEU B 339 -42.04 -2.09 1.29
CA LEU B 339 -41.59 -1.21 0.24
C LEU B 339 -42.49 -1.38 -0.99
N GLY B 340 -42.86 -2.61 -1.31
CA GLY B 340 -43.69 -2.84 -2.46
C GLY B 340 -44.91 -1.93 -2.40
N GLN B 341 -45.47 -1.86 -1.21
CA GLN B 341 -46.65 -1.05 -0.95
C GLN B 341 -46.25 0.41 -1.03
N VAL B 342 -45.18 0.75 -0.35
CA VAL B 342 -44.73 2.10 -0.37
C VAL B 342 -44.61 2.62 -1.78
N ARG B 343 -43.71 2.04 -2.57
CA ARG B 343 -43.52 2.53 -3.93
C ARG B 343 -44.81 2.78 -4.65
N ARG B 344 -45.79 1.92 -4.40
CA ARG B 344 -47.07 2.05 -5.05
C ARG B 344 -47.79 3.27 -4.49
N ALA B 345 -47.87 3.33 -3.17
CA ALA B 345 -48.53 4.43 -2.53
C ALA B 345 -47.98 5.75 -3.02
N MET B 346 -46.67 5.92 -2.94
CA MET B 346 -46.08 7.17 -3.38
C MET B 346 -46.31 7.42 -4.84
N ARG B 347 -46.82 6.43 -5.56
CA ARG B 347 -47.06 6.60 -7.00
C ARG B 347 -45.78 6.77 -7.80
N LEU B 348 -44.87 5.82 -7.57
CA LEU B 348 -43.56 5.78 -8.19
C LEU B 348 -43.65 5.19 -9.59
N PHE B 349 -42.96 5.85 -10.51
CA PHE B 349 -42.97 5.43 -11.90
C PHE B 349 -42.86 3.92 -12.04
N GLY B 350 -43.91 3.32 -12.55
CA GLY B 350 -43.87 1.90 -12.78
C GLY B 350 -44.53 1.10 -11.70
N HIS B 351 -45.10 1.78 -10.72
CA HIS B 351 -45.76 1.09 -9.64
C HIS B 351 -47.18 1.45 -9.50
N ALA C 21 43.22 7.81 -28.52
CA ALA C 21 41.86 7.16 -28.57
C ALA C 21 41.91 5.64 -28.60
N ARG C 22 42.31 5.03 -27.47
CA ARG C 22 42.37 3.57 -27.36
C ARG C 22 41.30 3.09 -26.34
N PRO C 23 41.59 3.19 -25.02
CA PRO C 23 40.56 2.75 -24.09
C PRO C 23 39.44 3.78 -24.03
N ARG C 24 38.22 3.32 -23.81
CA ARG C 24 37.10 4.23 -23.73
C ARG C 24 37.02 4.64 -22.28
N VAL C 25 37.05 5.95 -22.03
CA VAL C 25 36.98 6.50 -20.68
C VAL C 25 35.65 7.20 -20.49
N LEU C 26 35.01 6.94 -19.35
CA LEU C 26 33.73 7.54 -19.05
C LEU C 26 33.85 8.44 -17.83
N THR C 27 33.25 9.63 -17.90
CA THR C 27 33.26 10.59 -16.79
C THR C 27 31.92 11.35 -16.86
N GLY C 28 31.65 12.23 -15.89
CA GLY C 28 30.38 12.95 -15.93
C GLY C 28 30.08 13.88 -14.77
N ASP C 29 28.98 14.61 -14.87
CA ASP C 29 28.60 15.53 -13.82
C ASP C 29 27.10 15.60 -13.80
N ARG C 30 26.49 15.50 -12.63
CA ARG C 30 25.04 15.63 -12.58
C ARG C 30 24.85 17.14 -12.70
N PRO C 31 24.07 17.59 -13.69
CA PRO C 31 23.76 18.98 -14.00
C PRO C 31 22.94 19.63 -12.91
N THR C 32 23.56 20.33 -11.96
CA THR C 32 22.78 20.95 -10.90
C THR C 32 23.09 22.41 -10.69
N GLY C 33 24.19 22.82 -11.31
CA GLY C 33 24.63 24.20 -11.21
C GLY C 33 25.81 24.49 -12.14
N ALA C 34 26.40 25.68 -12.08
CA ALA C 34 27.54 25.98 -12.94
C ALA C 34 28.75 25.34 -12.29
N LEU C 35 29.70 24.90 -13.10
CA LEU C 35 30.94 24.29 -12.61
C LEU C 35 31.86 25.33 -11.98
N HIS C 36 32.74 24.95 -11.06
CA HIS C 36 33.61 25.93 -10.45
C HIS C 36 35.04 25.49 -10.39
N LEU C 37 35.89 26.32 -9.81
CA LEU C 37 37.33 26.04 -9.69
C LEU C 37 37.69 24.69 -9.07
N GLY C 38 36.77 24.16 -8.27
CA GLY C 38 36.98 22.87 -7.62
C GLY C 38 36.87 21.73 -8.60
N HIS C 39 35.97 21.88 -9.58
CA HIS C 39 35.80 20.87 -10.62
C HIS C 39 36.97 20.97 -11.58
N LEU C 40 37.46 22.19 -11.80
CA LEU C 40 38.58 22.37 -12.70
C LEU C 40 39.77 21.61 -12.19
N ALA C 41 40.15 21.90 -10.95
CA ALA C 41 41.29 21.23 -10.37
C ALA C 41 40.98 19.77 -10.17
N GLY C 42 39.78 19.49 -9.69
CA GLY C 42 39.37 18.13 -9.40
C GLY C 42 39.18 17.18 -10.57
N SER C 43 38.69 17.67 -11.72
CA SER C 43 38.47 16.72 -12.80
C SER C 43 38.69 17.36 -14.16
N LEU C 44 38.29 18.57 -14.38
CA LEU C 44 38.35 19.12 -15.73
C LEU C 44 39.75 18.99 -16.32
N GLN C 45 40.77 19.55 -15.71
CA GLN C 45 42.11 19.55 -16.30
C GLN C 45 42.53 18.17 -16.72
N ASN C 46 42.27 17.21 -15.85
CA ASN C 46 42.62 15.83 -16.14
C ASN C 46 41.87 15.34 -17.33
N ARG C 47 40.64 15.84 -17.51
CA ARG C 47 39.79 15.41 -18.63
C ARG C 47 40.25 16.04 -19.94
N VAL C 48 40.83 17.23 -19.84
CA VAL C 48 41.31 17.86 -21.06
C VAL C 48 42.48 17.04 -21.53
N ARG C 49 43.18 16.40 -20.59
CA ARG C 49 44.34 15.60 -20.96
C ARG C 49 43.91 14.28 -21.55
N LEU C 50 42.92 13.64 -20.94
CA LEU C 50 42.43 12.35 -21.44
C LEU C 50 41.86 12.35 -22.87
N GLN C 51 41.19 13.43 -23.29
CA GLN C 51 40.62 13.44 -24.64
C GLN C 51 41.65 13.18 -25.73
N ASP C 52 42.93 13.45 -25.44
CA ASP C 52 44.03 13.24 -26.39
C ASP C 52 44.74 11.88 -26.37
N GLU C 53 44.55 11.10 -25.30
CA GLU C 53 45.20 9.81 -25.20
C GLU C 53 44.22 8.72 -24.90
N ALA C 54 42.95 8.99 -25.18
CA ALA C 54 41.84 8.04 -24.96
C ALA C 54 40.58 8.61 -25.62
N GLU C 55 39.54 7.79 -25.69
CA GLU C 55 38.27 8.21 -26.29
C GLU C 55 37.45 8.64 -25.12
N LEU C 56 37.19 9.93 -25.00
CA LEU C 56 36.49 10.39 -23.84
C LEU C 56 35.01 10.60 -24.00
N PHE C 57 34.26 10.10 -23.03
CA PHE C 57 32.80 10.23 -22.99
C PHE C 57 32.44 10.95 -21.72
N VAL C 58 31.65 12.01 -21.81
CA VAL C 58 31.21 12.77 -20.62
C VAL C 58 29.69 12.69 -20.56
N LEU C 59 29.19 12.25 -19.42
CA LEU C 59 27.78 12.08 -19.26
C LEU C 59 27.15 13.21 -18.48
N LEU C 60 26.18 13.90 -19.06
CA LEU C 60 25.51 14.94 -18.31
C LEU C 60 24.37 14.12 -17.67
N ALA C 61 24.61 13.61 -16.47
CA ALA C 61 23.62 12.78 -15.77
C ALA C 61 22.42 13.48 -15.20
N ASP C 62 21.50 13.93 -16.05
CA ASP C 62 20.32 14.62 -15.55
C ASP C 62 19.35 13.65 -14.86
N VAL C 63 19.44 12.36 -15.21
CA VAL C 63 18.56 11.40 -14.58
C VAL C 63 19.00 11.19 -13.16
N GLN C 64 20.31 11.04 -12.98
CA GLN C 64 20.84 10.87 -11.64
C GLN C 64 20.64 12.14 -10.86
N ALA C 65 20.77 13.27 -11.54
CA ALA C 65 20.59 14.53 -10.87
C ALA C 65 19.21 14.57 -10.26
N LEU C 66 18.31 13.77 -10.81
CA LEU C 66 16.93 13.74 -10.34
C LEU C 66 16.67 12.87 -9.12
N THR C 67 17.63 12.03 -8.72
CA THR C 67 17.40 11.19 -7.56
C THR C 67 17.20 11.99 -6.32
N ASP C 68 17.59 13.25 -6.36
CA ASP C 68 17.42 14.10 -5.19
C ASP C 68 16.92 15.48 -5.59
N HIS C 69 16.91 15.74 -6.89
CA HIS C 69 16.43 17.02 -7.38
C HIS C 69 15.11 16.78 -8.09
N PHE C 70 14.46 15.68 -7.76
CA PHE C 70 13.19 15.36 -8.40
C PHE C 70 12.16 16.40 -8.13
N ASP C 71 12.47 17.31 -7.21
CA ASP C 71 11.56 18.39 -6.85
C ASP C 71 11.99 19.68 -7.49
N ARG C 72 13.02 19.60 -8.32
CA ARG C 72 13.45 20.79 -8.98
C ARG C 72 13.87 20.46 -10.41
N PRO C 73 12.96 19.90 -11.20
CA PRO C 73 13.22 19.54 -12.60
C PRO C 73 13.57 20.65 -13.55
N GLU C 74 13.27 21.88 -13.14
CA GLU C 74 13.58 23.03 -13.96
C GLU C 74 15.05 23.33 -13.83
N GLN C 75 15.54 23.21 -12.59
CA GLN C 75 16.94 23.45 -12.25
C GLN C 75 17.85 22.49 -13.02
N VAL C 76 17.49 21.21 -13.00
CA VAL C 76 18.26 20.19 -13.71
C VAL C 76 18.28 20.45 -15.22
N ARG C 77 17.11 20.69 -15.80
CA ARG C 77 16.95 20.98 -17.24
C ARG C 77 17.82 22.13 -17.74
N GLU C 78 17.79 23.22 -16.99
CA GLU C 78 18.57 24.40 -17.34
C GLU C 78 20.07 24.20 -17.24
N ASN C 79 20.53 23.34 -16.35
CA ASN C 79 21.98 23.15 -16.20
C ASN C 79 22.64 22.18 -17.14
N VAL C 80 21.85 21.47 -17.92
CA VAL C 80 22.47 20.53 -18.85
C VAL C 80 23.23 21.38 -19.85
N LEU C 81 22.62 22.46 -20.34
CA LEU C 81 23.33 23.28 -21.30
C LEU C 81 24.42 24.11 -20.65
N ALA C 82 24.20 24.52 -19.43
CA ALA C 82 25.19 25.34 -18.74
C ALA C 82 26.47 24.59 -18.41
N VAL C 83 26.34 23.34 -18.01
CA VAL C 83 27.55 22.62 -17.71
C VAL C 83 28.24 22.36 -19.02
N ALA C 84 27.46 22.09 -20.06
CA ALA C 84 28.03 21.79 -21.37
C ALA C 84 28.88 22.95 -21.78
N LEU C 85 28.36 24.14 -21.56
CA LEU C 85 29.08 25.34 -21.92
C LEU C 85 30.34 25.33 -21.08
N ASP C 86 30.23 24.87 -19.83
CA ASP C 86 31.40 24.82 -18.97
C ASP C 86 32.44 23.84 -19.47
N TYR C 87 32.03 22.66 -19.94
CA TYR C 87 32.98 21.68 -20.45
C TYR C 87 33.78 22.31 -21.55
N LEU C 88 33.07 22.96 -22.47
CA LEU C 88 33.69 23.63 -23.62
C LEU C 88 34.61 24.76 -23.16
N ALA C 89 34.10 25.61 -22.30
CA ALA C 89 34.88 26.73 -21.77
C ALA C 89 36.18 26.17 -21.15
N ALA C 90 36.05 25.02 -20.50
CA ALA C 90 37.18 24.39 -19.84
C ALA C 90 38.20 23.98 -20.84
N GLY C 91 37.75 23.64 -22.04
CA GLY C 91 38.69 23.23 -23.06
C GLY C 91 38.45 21.86 -23.65
N LEU C 92 37.32 21.25 -23.31
CA LEU C 92 36.95 19.94 -23.84
C LEU C 92 36.65 20.17 -25.32
N ASP C 93 37.30 19.38 -26.16
CA ASP C 93 37.16 19.53 -27.59
C ASP C 93 35.99 18.79 -28.18
N PRO C 94 35.09 19.52 -28.85
CA PRO C 94 33.92 18.88 -29.45
C PRO C 94 34.28 17.79 -30.45
N GLN C 95 35.48 17.88 -30.98
CA GLN C 95 35.91 16.95 -31.98
C GLN C 95 36.67 15.82 -31.33
N LYS C 96 36.82 15.93 -30.03
CA LYS C 96 37.53 14.94 -29.28
C LYS C 96 36.64 14.23 -28.29
N THR C 97 35.80 14.98 -27.59
CA THR C 97 34.96 14.36 -26.58
C THR C 97 33.47 14.20 -26.90
N THR C 98 32.95 13.02 -26.58
CA THR C 98 31.56 12.67 -26.78
C THR C 98 30.71 13.12 -25.60
N CYS C 99 29.95 14.21 -25.73
CA CYS C 99 29.15 14.67 -24.60
C CYS C 99 27.75 14.13 -24.71
N VAL C 100 27.27 13.40 -23.70
CA VAL C 100 25.94 12.80 -23.79
C VAL C 100 24.94 13.10 -22.67
N VAL C 101 23.67 13.25 -23.03
CA VAL C 101 22.61 13.55 -22.07
C VAL C 101 21.98 12.24 -21.65
N GLN C 102 22.13 11.93 -20.37
CA GLN C 102 21.62 10.70 -19.80
C GLN C 102 20.16 10.51 -20.13
N SER C 103 19.41 11.59 -20.00
CA SER C 103 18.00 11.54 -20.29
C SER C 103 17.66 10.96 -21.67
N ALA C 104 18.42 11.37 -22.68
CA ALA C 104 18.20 10.95 -24.07
C ALA C 104 18.65 9.55 -24.46
N VAL C 105 19.04 8.74 -23.49
CA VAL C 105 19.42 7.39 -23.82
C VAL C 105 18.77 6.43 -22.81
N PRO C 106 17.49 6.05 -23.03
CA PRO C 106 16.71 5.15 -22.16
C PRO C 106 17.32 3.77 -21.95
N GLU C 107 18.30 3.44 -22.78
CA GLU C 107 18.96 2.17 -22.70
C GLU C 107 19.55 2.05 -21.31
N LEU C 108 20.06 3.15 -20.79
CA LEU C 108 20.65 3.08 -19.47
C LEU C 108 19.62 2.58 -18.44
N ALA C 109 18.44 3.20 -18.48
CA ALA C 109 17.39 2.87 -17.55
C ALA C 109 17.12 1.41 -17.67
N GLU C 110 16.96 0.98 -18.91
CA GLU C 110 16.68 -0.40 -19.11
C GLU C 110 17.75 -1.23 -18.44
N LEU C 111 19.00 -0.77 -18.47
CA LEU C 111 20.01 -1.62 -17.89
C LEU C 111 20.01 -1.58 -16.39
N THR C 112 19.72 -0.41 -15.83
CA THR C 112 19.77 -0.36 -14.39
C THR C 112 18.78 -1.32 -13.79
N VAL C 113 17.58 -1.40 -14.34
CA VAL C 113 16.63 -2.27 -13.72
C VAL C 113 17.09 -3.72 -13.72
N TYR C 114 17.87 -4.13 -14.74
CA TYR C 114 18.34 -5.51 -14.78
C TYR C 114 19.47 -5.65 -13.82
N PHE C 115 20.19 -4.57 -13.62
CA PHE C 115 21.29 -4.60 -12.68
C PHE C 115 20.81 -4.67 -11.23
N LEU C 116 19.64 -4.10 -10.97
CA LEU C 116 19.08 -4.11 -9.63
C LEU C 116 18.93 -5.50 -9.03
N ASN C 117 18.80 -6.52 -9.90
CA ASN C 117 18.61 -7.91 -9.49
C ASN C 117 19.93 -8.55 -9.13
N LEU C 118 21.00 -7.88 -9.51
CA LEU C 118 22.32 -8.40 -9.25
C LEU C 118 22.95 -7.86 -7.97
N VAL C 119 22.21 -7.03 -7.23
CA VAL C 119 22.69 -6.43 -5.98
C VAL C 119 21.68 -6.44 -4.82
N THR C 120 22.18 -6.65 -3.61
CA THR C 120 21.33 -6.75 -2.44
C THR C 120 21.14 -5.40 -1.76
N VAL C 121 19.99 -5.19 -1.14
CA VAL C 121 19.68 -3.96 -0.41
C VAL C 121 20.70 -3.82 0.68
N SER C 122 21.05 -4.94 1.29
CA SER C 122 22.04 -4.94 2.35
C SER C 122 23.33 -4.29 1.85
N HIS C 123 23.89 -4.80 0.74
CA HIS C 123 25.15 -4.28 0.17
C HIS C 123 25.05 -2.87 -0.36
N LEU C 124 23.84 -2.45 -0.73
CA LEU C 124 23.58 -1.10 -1.24
C LEU C 124 23.55 -0.12 -0.08
N ARG C 125 23.14 -0.61 1.09
CA ARG C 125 23.06 0.20 2.29
C ARG C 125 24.45 0.44 2.89
N GLN C 126 25.41 -0.47 2.62
CA GLN C 126 26.79 -0.39 3.12
C GLN C 126 27.74 0.54 2.37
N ASN C 127 27.34 0.98 1.18
CA ASN C 127 28.17 1.90 0.38
C ASN C 127 28.45 3.08 1.30
N PRO C 128 29.71 3.26 1.66
CA PRO C 128 30.11 4.36 2.54
C PRO C 128 29.94 5.79 2.01
N THR C 129 30.03 5.93 0.70
CA THR C 129 29.91 7.25 0.16
C THR C 129 28.47 7.69 0.12
N VAL C 130 27.57 6.80 -0.25
CA VAL C 130 26.18 7.19 -0.29
C VAL C 130 25.70 7.33 1.13
N LYS C 131 26.23 6.50 2.01
CA LYS C 131 25.83 6.51 3.41
C LYS C 131 26.19 7.90 3.94
N ALA C 132 27.37 8.37 3.53
CA ALA C 132 27.80 9.66 4.00
C ALA C 132 26.93 10.78 3.45
N GLU C 133 26.46 10.66 2.21
CA GLU C 133 25.62 11.69 1.58
C GLU C 133 24.25 11.73 2.26
N ILE C 134 23.71 10.57 2.55
CA ILE C 134 22.43 10.50 3.19
C ILE C 134 22.60 11.15 4.51
N ALA C 135 23.77 10.98 5.07
CA ALA C 135 24.04 11.57 6.37
C ALA C 135 24.00 13.10 6.31
N GLN C 136 24.76 13.65 5.37
CA GLN C 136 24.86 15.09 5.20
C GLN C 136 23.54 15.66 4.68
N LYS C 137 22.74 14.80 4.04
CA LYS C 137 21.45 15.21 3.49
C LYS C 137 20.38 15.29 4.57
N GLY C 138 20.64 14.60 5.68
CA GLY C 138 19.69 14.59 6.78
C GLY C 138 18.41 13.84 6.49
N TYR C 139 18.42 13.02 5.45
CA TYR C 139 17.24 12.24 5.08
C TYR C 139 16.76 11.39 6.27
N GLY C 140 17.66 10.64 6.88
CA GLY C 140 17.23 9.81 7.97
C GLY C 140 16.91 8.47 7.38
N GLU C 141 15.64 8.08 7.39
CA GLU C 141 15.22 6.82 6.77
C GLU C 141 14.38 7.08 5.52
N ARG C 142 13.91 8.34 5.53
CA ARG C 142 13.11 8.86 4.44
C ARG C 142 13.98 9.07 3.23
N VAL C 143 14.72 8.05 2.84
CA VAL C 143 15.60 8.19 1.69
C VAL C 143 14.81 7.83 0.46
N PRO C 144 14.81 8.70 -0.56
CA PRO C 144 14.08 8.42 -1.77
C PRO C 144 14.71 7.22 -2.45
N ALA C 145 13.91 6.21 -2.81
CA ALA C 145 14.43 5.00 -3.45
C ALA C 145 15.46 5.24 -4.53
N GLY C 146 15.14 6.08 -5.52
CA GLY C 146 16.09 6.37 -6.59
C GLY C 146 17.48 6.74 -6.13
N PHE C 147 17.57 7.50 -5.03
CA PHE C 147 18.85 7.89 -4.52
C PHE C 147 19.52 6.71 -3.88
N PHE C 148 18.78 5.91 -3.14
CA PHE C 148 19.40 4.79 -2.48
C PHE C 148 20.13 3.83 -3.44
N VAL C 149 19.53 3.63 -4.61
CA VAL C 149 20.11 2.73 -5.62
C VAL C 149 20.88 3.39 -6.75
N TYR C 150 21.27 4.66 -6.62
CA TYR C 150 21.95 5.32 -7.73
C TYR C 150 23.29 4.70 -8.07
N PRO C 151 23.92 4.06 -7.09
CA PRO C 151 25.19 3.51 -7.52
C PRO C 151 25.03 2.52 -8.65
N VAL C 152 23.89 1.83 -8.71
CA VAL C 152 23.70 0.86 -9.78
C VAL C 152 23.37 1.52 -11.10
N SER C 153 22.66 2.64 -11.07
CA SER C 153 22.35 3.33 -12.31
C SER C 153 23.68 3.78 -12.84
N GLN C 154 24.64 4.04 -11.94
CA GLN C 154 25.95 4.46 -12.41
C GLN C 154 26.63 3.27 -13.05
N ALA C 155 26.45 2.14 -12.43
CA ALA C 155 27.03 0.95 -12.96
C ALA C 155 26.41 0.74 -14.31
N ALA C 156 25.15 1.06 -14.45
CA ALA C 156 24.59 0.87 -15.75
C ALA C 156 25.26 1.83 -16.71
N ASP C 157 25.56 3.05 -16.28
CA ASP C 157 26.17 4.02 -17.19
C ASP C 157 27.46 3.49 -17.76
N ILE C 158 28.35 3.09 -16.86
CA ILE C 158 29.66 2.54 -17.23
C ILE C 158 29.66 1.38 -18.28
N ALA C 159 28.92 0.30 -17.97
CA ALA C 159 28.82 -0.89 -18.81
C ALA C 159 28.18 -0.61 -20.16
N ALA C 160 27.07 0.12 -20.14
CA ALA C 160 26.40 0.42 -21.37
C ALA C 160 27.27 1.12 -22.38
N PHE C 161 28.06 2.11 -21.94
CA PHE C 161 28.94 2.83 -22.88
C PHE C 161 30.19 2.04 -23.11
N GLY C 162 30.31 0.92 -22.40
CA GLY C 162 31.46 0.05 -22.55
C GLY C 162 32.79 0.73 -22.28
N ALA C 163 32.84 1.40 -21.13
CA ALA C 163 34.00 2.12 -20.69
C ALA C 163 34.91 1.17 -19.97
N THR C 164 36.20 1.29 -20.21
CA THR C 164 37.18 0.44 -19.54
C THR C 164 38.04 1.21 -18.58
N LEU C 165 37.90 2.53 -18.58
CA LEU C 165 38.65 3.36 -17.65
C LEU C 165 37.78 4.43 -17.05
N VAL C 166 37.81 4.55 -15.74
CA VAL C 166 36.97 5.54 -15.14
C VAL C 166 37.74 6.33 -14.13
N PRO C 167 37.89 7.63 -14.35
CA PRO C 167 38.61 8.52 -13.43
C PRO C 167 37.88 8.54 -12.10
N VAL C 168 38.60 8.31 -11.02
CA VAL C 168 37.90 8.27 -9.77
C VAL C 168 38.69 8.81 -8.62
N GLY C 169 37.97 9.48 -7.73
CA GLY C 169 38.53 10.03 -6.50
C GLY C 169 38.21 8.93 -5.53
N ASP C 170 38.99 8.79 -4.47
CA ASP C 170 38.75 7.70 -3.52
C ASP C 170 37.35 7.75 -2.96
N ASP C 171 36.66 8.83 -3.22
CA ASP C 171 35.31 8.94 -2.70
C ASP C 171 34.38 8.25 -3.66
N GLN C 172 34.80 7.97 -4.88
CA GLN C 172 33.85 7.31 -5.74
C GLN C 172 34.24 5.87 -5.95
N LEU C 173 35.36 5.47 -5.38
CA LEU C 173 35.80 4.10 -5.54
C LEU C 173 34.80 3.05 -5.14
N PRO C 174 33.98 3.32 -4.13
CA PRO C 174 33.04 2.26 -3.81
C PRO C 174 32.00 2.14 -4.91
N MET C 175 31.77 3.26 -5.60
CA MET C 175 30.81 3.27 -6.68
C MET C 175 31.44 2.43 -7.80
N LEU C 176 32.66 2.77 -8.15
CA LEU C 176 33.33 2.01 -9.17
C LEU C 176 33.41 0.55 -8.76
N GLU C 177 33.89 0.25 -7.55
CA GLU C 177 34.02 -1.14 -7.12
C GLU C 177 32.71 -1.89 -7.22
N GLN C 178 31.60 -1.25 -6.87
CA GLN C 178 30.34 -1.96 -7.01
C GLN C 178 30.09 -2.33 -8.46
N THR C 179 30.40 -1.39 -9.35
CA THR C 179 30.25 -1.61 -10.79
C THR C 179 30.97 -2.89 -11.17
N ARG C 180 32.20 -3.04 -10.70
CA ARG C 180 33.00 -4.21 -10.97
C ARG C 180 32.30 -5.46 -10.48
N GLU C 181 31.68 -5.40 -9.32
CA GLU C 181 31.01 -6.59 -8.85
C GLU C 181 29.81 -6.91 -9.70
N ILE C 182 29.15 -5.87 -10.15
CA ILE C 182 27.97 -6.09 -10.96
C ILE C 182 28.33 -6.70 -12.29
N VAL C 183 29.21 -6.08 -13.04
CA VAL C 183 29.58 -6.66 -14.33
C VAL C 183 30.06 -8.11 -14.18
N ARG C 184 30.83 -8.35 -13.13
CA ARG C 184 31.37 -9.66 -12.85
C ARG C 184 30.21 -10.62 -12.64
N ARG C 185 29.25 -10.17 -11.85
CA ARG C 185 28.08 -10.98 -11.56
C ARG C 185 27.28 -11.20 -12.82
N PHE C 186 27.21 -10.21 -13.70
CA PHE C 186 26.42 -10.32 -14.92
C PHE C 186 27.07 -11.30 -15.88
N ASN C 187 28.37 -11.15 -16.07
CA ASN C 187 29.02 -12.05 -16.99
C ASN C 187 28.87 -13.50 -16.57
N ALA C 188 29.16 -13.76 -15.30
CA ALA C 188 29.07 -15.14 -14.79
C ALA C 188 27.66 -15.76 -14.81
N LEU C 189 26.64 -14.93 -14.67
CA LEU C 189 25.25 -15.39 -14.64
C LEU C 189 24.65 -15.59 -15.99
N TYR C 190 25.07 -14.74 -16.91
CA TYR C 190 24.56 -14.82 -18.25
C TYR C 190 25.69 -15.18 -19.19
N ALA C 191 26.31 -14.17 -19.78
CA ALA C 191 27.42 -14.45 -20.66
C ALA C 191 28.37 -13.28 -20.51
N PRO C 192 29.69 -13.54 -20.58
CA PRO C 192 30.74 -12.55 -20.44
C PRO C 192 30.73 -11.54 -21.58
N VAL C 193 29.75 -10.65 -21.52
CA VAL C 193 29.59 -9.67 -22.54
C VAL C 193 29.92 -8.21 -22.15
N LEU C 194 30.04 -7.94 -20.85
CA LEU C 194 30.36 -6.58 -20.37
C LEU C 194 31.81 -6.47 -19.97
N ALA C 195 32.42 -5.33 -20.28
CA ALA C 195 33.84 -5.10 -19.95
C ALA C 195 33.99 -4.69 -18.50
N GLU C 196 35.02 -5.19 -17.82
CA GLU C 196 35.18 -4.78 -16.44
C GLU C 196 35.94 -3.46 -16.42
N PRO C 197 35.33 -2.40 -15.87
CA PRO C 197 36.05 -1.13 -15.85
C PRO C 197 37.17 -1.07 -14.83
N GLN C 198 38.17 -0.23 -15.10
CA GLN C 198 39.29 -0.08 -14.19
C GLN C 198 39.36 1.37 -13.75
N ALA C 199 39.86 1.60 -12.54
CA ALA C 199 39.91 2.96 -12.02
C ALA C 199 41.18 3.66 -12.45
N GLN C 200 41.09 4.97 -12.51
CA GLN C 200 42.21 5.80 -12.88
C GLN C 200 42.21 6.67 -11.66
N LEU C 201 42.83 6.14 -10.62
CA LEU C 201 42.85 6.77 -9.34
C LEU C 201 43.27 8.22 -9.16
N SER C 202 42.53 8.83 -8.22
CA SER C 202 42.64 10.19 -7.72
C SER C 202 42.97 11.37 -8.65
N ARG C 203 43.03 12.55 -8.01
CA ARG C 203 43.33 13.85 -8.63
C ARG C 203 43.99 14.72 -7.56
N VAL C 204 44.51 14.04 -6.52
CA VAL C 204 45.16 14.67 -5.37
C VAL C 204 44.03 15.43 -4.64
N PRO C 205 44.11 15.56 -3.31
CA PRO C 205 43.10 16.27 -2.54
C PRO C 205 42.14 17.20 -3.30
N ARG C 206 40.95 17.35 -2.74
CA ARG C 206 39.88 18.19 -3.29
C ARG C 206 40.03 19.67 -2.91
N LEU C 207 39.83 20.57 -3.88
CA LEU C 207 39.97 22.01 -3.61
C LEU C 207 39.03 22.53 -2.51
N PRO C 208 39.58 23.17 -1.45
CA PRO C 208 38.76 23.70 -0.36
C PRO C 208 38.02 25.00 -0.76
N GLY C 209 37.05 25.42 0.05
CA GLY C 209 36.26 26.61 -0.23
C GLY C 209 36.89 27.92 0.17
N LEU C 210 36.39 29.01 -0.41
CA LEU C 210 36.98 30.29 -0.11
C LEU C 210 37.09 30.56 1.37
N ASP C 211 36.16 30.09 2.19
CA ASP C 211 36.35 30.42 3.58
C ASP C 211 37.10 29.31 4.26
N GLY C 212 37.79 28.50 3.48
CA GLY C 212 38.59 27.44 4.09
C GLY C 212 37.89 26.14 4.42
N GLN C 213 36.59 26.08 4.15
CA GLN C 213 35.86 24.86 4.44
C GLN C 213 36.39 23.75 3.55
N ALA C 214 36.17 22.51 3.99
CA ALA C 214 36.62 21.33 3.27
C ALA C 214 36.07 21.27 1.84
N LYS C 215 34.82 21.63 1.66
CA LYS C 215 34.21 21.56 0.34
C LYS C 215 33.89 22.89 -0.34
N MET C 216 34.23 23.00 -1.62
CA MET C 216 33.91 24.22 -2.36
C MET C 216 32.59 24.01 -3.05
N SER C 217 31.63 24.87 -2.76
CA SER C 217 30.31 24.72 -3.37
C SER C 217 29.50 25.99 -3.50
N LYS C 218 28.71 26.03 -4.56
CA LYS C 218 27.86 27.17 -4.81
C LYS C 218 26.95 27.28 -3.61
N SER C 219 26.39 26.13 -3.23
CA SER C 219 25.48 26.02 -2.10
C SER C 219 26.04 26.66 -0.85
N LEU C 220 27.27 26.31 -0.51
CA LEU C 220 27.94 26.85 0.68
C LEU C 220 28.31 28.36 0.50
N GLY C 221 28.21 28.83 -0.74
CA GLY C 221 28.52 30.22 -1.02
C GLY C 221 30.01 30.49 -0.99
N ASN C 222 30.82 29.46 -1.14
CA ASN C 222 32.23 29.74 -1.11
C ASN C 222 32.96 29.30 -2.36
N ALA C 223 32.33 29.50 -3.53
CA ALA C 223 32.99 29.11 -4.77
C ALA C 223 33.26 30.21 -5.78
N ILE C 224 34.16 29.91 -6.73
CA ILE C 224 34.52 30.83 -7.81
C ILE C 224 34.13 30.08 -9.06
N ALA C 225 33.12 30.55 -9.74
CA ALA C 225 32.59 29.89 -10.93
C ALA C 225 33.53 30.09 -12.07
N LEU C 226 33.59 29.12 -12.97
CA LEU C 226 34.45 29.22 -14.14
C LEU C 226 34.00 30.43 -14.93
N GLY C 227 32.73 30.75 -14.79
CA GLY C 227 32.22 31.89 -15.51
C GLY C 227 32.31 33.21 -14.77
N ASP C 228 32.94 33.23 -13.60
CA ASP C 228 33.04 34.48 -12.86
C ASP C 228 34.01 35.40 -13.56
N SER C 229 33.63 36.67 -13.63
CA SER C 229 34.41 37.73 -14.27
C SER C 229 35.76 37.86 -13.60
N ALA C 230 36.77 38.32 -14.34
CA ALA C 230 38.10 38.46 -13.75
C ALA C 230 38.04 39.40 -12.55
N ASP C 231 37.07 40.30 -12.57
CA ASP C 231 36.90 41.23 -11.48
C ASP C 231 36.41 40.43 -10.29
N GLU C 232 35.33 39.70 -10.49
CA GLU C 232 34.75 38.89 -9.43
C GLU C 232 35.82 38.00 -8.80
N VAL C 233 36.54 37.29 -9.64
CA VAL C 233 37.61 36.41 -9.20
C VAL C 233 38.51 37.22 -8.27
N ALA C 234 38.89 38.42 -8.69
CA ALA C 234 39.74 39.22 -7.84
C ALA C 234 39.10 39.42 -6.50
N ARG C 235 37.84 39.88 -6.47
CA ARG C 235 37.10 40.12 -5.22
C ARG C 235 37.03 38.91 -4.29
N LYS C 236 36.57 37.79 -4.84
CA LYS C 236 36.45 36.58 -4.04
C LYS C 236 37.78 36.20 -3.40
N VAL C 237 38.85 36.25 -4.17
CA VAL C 237 40.16 35.93 -3.64
C VAL C 237 40.53 36.84 -2.46
N MET C 238 40.13 38.12 -2.56
CA MET C 238 40.41 39.18 -1.56
C MET C 238 39.79 38.85 -0.23
N GLY C 239 38.60 38.26 -0.29
CA GLY C 239 37.90 37.89 0.92
C GLY C 239 38.17 36.46 1.38
N MET C 240 39.20 35.84 0.86
CA MET C 240 39.46 34.49 1.29
C MET C 240 39.97 34.33 2.70
N TYR C 241 39.51 33.29 3.40
CA TYR C 241 39.94 32.93 4.75
C TYR C 241 41.42 32.69 4.65
N THR C 242 42.20 33.01 5.68
CA THR C 242 43.65 32.83 5.59
C THR C 242 44.26 32.08 6.77
N ASP C 243 44.43 32.79 7.87
CA ASP C 243 44.98 32.25 9.12
C ASP C 243 44.46 33.10 10.31
N PRO C 244 43.51 32.56 11.06
CA PRO C 244 42.90 33.23 12.23
C PRO C 244 43.93 33.95 13.11
N GLY C 245 45.09 33.32 13.30
CA GLY C 245 46.15 33.88 14.12
C GLY C 245 47.03 34.95 13.48
N HIS C 246 46.92 35.11 12.17
CA HIS C 246 47.67 36.12 11.40
C HIS C 246 46.76 37.32 11.41
N LEU C 247 47.19 38.38 12.08
CA LEU C 247 46.42 39.61 12.24
C LEU C 247 46.94 40.81 11.45
N ARG C 248 48.24 40.81 11.19
CA ARG C 248 48.83 41.88 10.40
C ARG C 248 50.05 41.31 9.66
N ALA C 249 50.49 42.01 8.61
CA ALA C 249 51.61 41.59 7.77
C ALA C 249 52.86 41.16 8.53
N SER C 250 53.31 42.02 9.45
CA SER C 250 54.51 41.76 10.27
C SER C 250 54.42 40.37 10.90
N ASP C 251 53.27 40.06 11.43
CA ASP C 251 53.04 38.77 12.05
C ASP C 251 53.36 37.59 11.15
N PRO C 252 53.73 36.46 11.77
CA PRO C 252 54.03 35.27 11.00
C PRO C 252 52.68 34.58 10.84
N GLY C 253 52.50 33.92 9.70
CA GLY C 253 51.26 33.22 9.40
C GLY C 253 51.43 31.77 9.02
N ARG C 254 50.36 31.00 9.21
CA ARG C 254 50.44 29.59 8.90
C ARG C 254 49.98 29.35 7.51
N VAL C 255 50.61 28.37 6.91
CA VAL C 255 50.31 27.94 5.56
C VAL C 255 49.26 26.80 5.56
N GLU C 256 49.48 25.77 6.38
CA GLU C 256 48.58 24.61 6.49
C GLU C 256 47.21 25.10 6.84
N GLY C 257 46.20 24.58 6.15
CA GLY C 257 44.84 25.00 6.43
C GLY C 257 44.41 26.30 5.76
N ASN C 258 45.40 27.09 5.33
CA ASN C 258 45.21 28.38 4.66
C ASN C 258 44.99 28.16 3.18
N PRO C 259 43.71 28.17 2.73
CA PRO C 259 43.31 27.96 1.33
C PRO C 259 44.06 28.80 0.30
N VAL C 260 44.46 29.99 0.67
CA VAL C 260 45.18 30.78 -0.28
C VAL C 260 46.40 30.00 -0.75
N PHE C 261 47.01 29.24 0.15
CA PHE C 261 48.17 28.46 -0.28
C PHE C 261 47.77 27.13 -0.89
N THR C 262 46.59 26.65 -0.55
CA THR C 262 46.17 25.40 -1.12
C THR C 262 45.81 25.64 -2.55
N PHE C 263 45.26 26.81 -2.81
CA PHE C 263 44.87 27.14 -4.16
C PHE C 263 46.13 27.26 -4.98
N LEU C 264 47.16 27.83 -4.38
CA LEU C 264 48.39 28.04 -5.11
C LEU C 264 49.05 26.73 -5.54
N ASP C 265 48.95 25.70 -4.72
CA ASP C 265 49.59 24.47 -5.11
C ASP C 265 48.88 23.81 -6.28
N ALA C 266 47.59 24.10 -6.43
CA ALA C 266 46.79 23.47 -7.47
C ALA C 266 46.70 24.19 -8.80
N PHE C 267 47.16 25.45 -8.83
CA PHE C 267 47.14 26.26 -10.05
C PHE C 267 48.38 27.08 -10.39
N ASP C 268 49.22 27.39 -9.42
CA ASP C 268 50.44 28.13 -9.69
C ASP C 268 51.46 27.27 -10.50
N PRO C 269 51.77 27.72 -11.74
CA PRO C 269 52.70 27.06 -12.68
C PRO C 269 54.10 26.84 -12.14
N ASP C 270 54.62 27.81 -11.39
CA ASP C 270 55.96 27.63 -10.84
C ASP C 270 56.05 27.55 -9.30
N PRO C 271 56.24 26.33 -8.78
CA PRO C 271 56.36 26.03 -7.35
C PRO C 271 57.50 26.78 -6.69
N ALA C 272 58.36 27.35 -7.50
CA ALA C 272 59.48 28.12 -6.98
C ALA C 272 58.93 29.35 -6.33
N ARG C 273 57.97 29.98 -6.99
CA ARG C 273 57.38 31.17 -6.43
C ARG C 273 56.56 30.74 -5.20
N VAL C 274 55.74 29.74 -5.41
CA VAL C 274 54.93 29.19 -4.35
C VAL C 274 55.76 28.93 -3.08
N GLN C 275 56.76 28.06 -3.20
CA GLN C 275 57.63 27.74 -2.06
C GLN C 275 58.28 28.97 -1.43
N ALA C 276 58.59 29.96 -2.26
CA ALA C 276 59.22 31.20 -1.82
C ALA C 276 58.23 31.99 -1.02
N LEU C 277 57.00 32.04 -1.55
CA LEU C 277 55.93 32.75 -0.88
C LEU C 277 55.70 32.13 0.47
N LYS C 278 55.62 30.80 0.49
CA LYS C 278 55.40 30.09 1.74
C LYS C 278 56.46 30.49 2.78
N ASP C 279 57.72 30.51 2.36
CA ASP C 279 58.81 30.87 3.25
C ASP C 279 58.49 32.17 3.97
N GLN C 280 58.60 33.25 3.20
CA GLN C 280 58.35 34.62 3.65
C GLN C 280 57.07 34.82 4.40
N TYR C 281 56.13 33.88 4.30
CA TYR C 281 54.88 34.06 5.01
C TYR C 281 55.05 33.55 6.43
N ARG C 282 55.73 32.43 6.58
CA ARG C 282 55.92 31.90 7.92
C ARG C 282 56.88 32.81 8.64
N ALA C 283 57.77 33.44 7.88
CA ALA C 283 58.75 34.34 8.46
C ALA C 283 58.01 35.48 9.14
N GLY C 284 57.47 36.37 8.32
CA GLY C 284 56.73 37.53 8.77
C GLY C 284 56.94 38.71 7.83
N GLY C 285 55.95 39.57 7.78
CA GLY C 285 56.07 40.74 6.92
C GLY C 285 55.36 40.58 5.60
N LEU C 286 55.01 39.33 5.28
CA LEU C 286 54.30 39.00 4.04
C LEU C 286 52.83 38.89 4.40
N GLY C 287 52.12 39.99 4.18
CA GLY C 287 50.71 40.05 4.49
C GLY C 287 49.91 39.23 3.51
N ASP C 288 48.64 39.02 3.83
CA ASP C 288 47.76 38.25 2.95
C ASP C 288 47.54 39.03 1.65
N VAL C 289 47.65 40.35 1.72
CA VAL C 289 47.45 41.16 0.54
C VAL C 289 48.43 40.82 -0.56
N LYS C 290 49.71 40.75 -0.22
CA LYS C 290 50.74 40.44 -1.21
C LYS C 290 50.63 39.03 -1.75
N VAL C 291 50.23 38.11 -0.89
CA VAL C 291 50.05 36.72 -1.28
C VAL C 291 48.82 36.60 -2.20
N LYS C 292 47.68 37.11 -1.73
CA LYS C 292 46.44 37.06 -2.50
C LYS C 292 46.54 37.77 -3.82
N LYS C 293 47.27 38.87 -3.85
CA LYS C 293 47.39 39.56 -5.10
C LYS C 293 48.12 38.62 -6.06
N HIS C 294 49.03 37.78 -5.54
CA HIS C 294 49.74 36.86 -6.44
C HIS C 294 48.87 35.68 -6.85
N LEU C 295 47.85 35.36 -6.07
CA LEU C 295 46.97 34.23 -6.41
C LEU C 295 46.11 34.75 -7.56
N ILE C 296 45.60 35.94 -7.36
CA ILE C 296 44.81 36.55 -8.40
C ILE C 296 45.53 36.47 -9.76
N ASP C 297 46.83 36.76 -9.82
CA ASP C 297 47.58 36.73 -11.08
C ASP C 297 47.68 35.31 -11.64
N VAL C 298 47.79 34.32 -10.75
CA VAL C 298 47.88 32.93 -11.18
C VAL C 298 46.50 32.43 -11.55
N LEU C 299 45.47 32.86 -10.83
CA LEU C 299 44.15 32.38 -11.19
C LEU C 299 43.70 32.96 -12.51
N ASN C 300 44.01 34.23 -12.73
CA ASN C 300 43.65 34.89 -13.99
C ASN C 300 44.38 34.29 -15.20
N GLY C 301 45.55 33.70 -14.95
CA GLY C 301 46.28 33.09 -16.05
C GLY C 301 45.63 31.77 -16.40
N VAL C 302 45.14 31.06 -15.39
CA VAL C 302 44.49 29.78 -15.59
C VAL C 302 43.09 29.96 -16.15
N LEU C 303 42.38 30.96 -15.62
CA LEU C 303 41.00 31.27 -16.01
C LEU C 303 40.78 32.10 -17.27
N ALA C 304 41.65 33.06 -17.56
CA ALA C 304 41.45 33.88 -18.76
C ALA C 304 41.04 33.13 -20.05
N PRO C 305 41.86 32.17 -20.49
CA PRO C 305 41.48 31.45 -21.71
C PRO C 305 40.12 30.79 -21.56
N ILE C 306 39.84 30.31 -20.38
CA ILE C 306 38.58 29.68 -20.15
C ILE C 306 37.47 30.73 -20.25
N ARG C 307 37.75 32.01 -19.95
CA ARG C 307 36.70 33.05 -20.00
C ARG C 307 36.36 33.41 -21.42
N THR C 308 37.40 33.51 -22.20
CA THR C 308 37.27 33.85 -23.59
C THR C 308 36.46 32.83 -24.37
N ARG C 309 36.80 31.56 -24.22
CA ARG C 309 36.07 30.53 -24.94
C ARG C 309 34.64 30.50 -24.44
N ARG C 310 34.44 30.73 -23.14
CA ARG C 310 33.08 30.70 -22.59
C ARG C 310 32.24 31.77 -23.25
N ALA C 311 32.76 32.99 -23.29
CA ALA C 311 32.04 34.12 -23.90
C ALA C 311 31.77 33.85 -25.39
N GLU C 312 32.77 33.31 -26.08
CA GLU C 312 32.72 32.95 -27.50
C GLU C 312 31.52 32.05 -27.77
N TYR C 313 31.50 30.95 -27.02
CA TYR C 313 30.45 29.96 -27.13
C TYR C 313 29.11 30.56 -26.78
N GLU C 314 29.10 31.70 -26.09
CA GLU C 314 27.86 32.38 -25.70
C GLU C 314 27.23 33.01 -26.93
N ARG C 315 28.08 33.45 -27.85
CA ARG C 315 27.67 34.05 -29.13
C ARG C 315 27.16 32.99 -30.09
N ASP C 316 27.65 31.77 -29.90
CA ASP C 316 27.34 30.60 -30.74
C ASP C 316 26.51 29.54 -29.99
N PRO C 317 25.34 29.92 -29.48
CA PRO C 317 24.53 28.94 -28.77
C PRO C 317 24.31 27.66 -29.56
N ASP C 318 24.21 27.78 -30.88
CA ASP C 318 23.99 26.60 -31.71
C ASP C 318 25.14 25.58 -31.60
N ALA C 319 26.36 26.10 -31.47
CA ALA C 319 27.58 25.30 -31.37
C ALA C 319 27.57 24.48 -30.08
N VAL C 320 27.00 25.03 -29.02
CA VAL C 320 26.94 24.29 -27.78
C VAL C 320 25.93 23.18 -27.94
N LEU C 321 24.83 23.50 -28.60
CA LEU C 321 23.78 22.53 -28.82
C LEU C 321 24.28 21.38 -29.69
N ARG C 322 25.06 21.72 -30.69
CA ARG C 322 25.59 20.70 -31.58
C ARG C 322 26.49 19.75 -30.79
N PHE C 323 27.16 20.30 -29.79
CA PHE C 323 28.09 19.58 -28.93
C PHE C 323 27.41 18.42 -28.24
N VAL C 324 26.24 18.68 -27.66
CA VAL C 324 25.48 17.67 -26.93
C VAL C 324 24.54 16.77 -27.74
N THR C 325 23.84 17.32 -28.72
CA THR C 325 22.91 16.53 -29.53
C THR C 325 23.67 15.51 -30.36
N GLU C 326 24.96 15.76 -30.61
CA GLU C 326 25.73 14.82 -31.42
C GLU C 326 26.46 13.80 -30.55
N GLY C 327 26.90 14.25 -29.36
CA GLY C 327 27.57 13.36 -28.43
C GLY C 327 26.48 12.36 -28.13
N THR C 328 25.32 12.89 -27.82
CA THR C 328 24.20 12.03 -27.52
C THR C 328 23.91 10.97 -28.60
N ALA C 329 23.89 11.38 -29.85
CA ALA C 329 23.61 10.45 -30.93
C ALA C 329 24.58 9.30 -30.86
N ARG C 330 25.85 9.65 -30.73
CA ARG C 330 26.89 8.67 -30.64
C ARG C 330 26.63 7.81 -29.41
N GLY C 331 26.49 8.44 -28.25
CA GLY C 331 26.27 7.66 -27.06
C GLY C 331 25.09 6.75 -27.21
N ARG C 332 24.02 7.25 -27.82
CA ARG C 332 22.84 6.42 -27.96
C ARG C 332 23.16 5.16 -28.71
N GLU C 333 23.84 5.30 -29.83
CA GLU C 333 24.16 4.12 -30.62
C GLU C 333 25.03 3.13 -29.87
N VAL C 334 25.99 3.62 -29.09
CA VAL C 334 26.86 2.72 -28.35
C VAL C 334 26.06 1.94 -27.33
N ALA C 335 25.32 2.66 -26.50
CA ALA C 335 24.52 1.98 -25.51
C ALA C 335 23.58 1.02 -26.22
N ALA C 336 23.08 1.41 -27.38
CA ALA C 336 22.16 0.56 -28.09
C ALA C 336 22.79 -0.78 -28.40
N GLN C 337 24.07 -0.77 -28.75
CA GLN C 337 24.77 -2.00 -29.11
C GLN C 337 24.89 -2.90 -27.92
N THR C 338 25.33 -2.33 -26.82
CA THR C 338 25.53 -3.09 -25.58
C THR C 338 24.26 -3.74 -25.07
N LEU C 339 23.18 -3.00 -25.04
CA LEU C 339 21.94 -3.61 -24.62
C LEU C 339 21.64 -4.79 -25.51
N GLY C 340 22.05 -4.69 -26.78
CA GLY C 340 21.81 -5.72 -27.76
C GLY C 340 22.40 -7.03 -27.33
N GLN C 341 23.66 -6.97 -26.92
CA GLN C 341 24.33 -8.16 -26.47
C GLN C 341 23.82 -8.54 -25.08
N VAL C 342 23.44 -7.55 -24.30
CA VAL C 342 22.90 -7.82 -22.97
C VAL C 342 21.59 -8.61 -23.12
N ARG C 343 20.66 -8.10 -23.94
CA ARG C 343 19.37 -8.76 -24.15
C ARG C 343 19.58 -10.19 -24.57
N ARG C 344 20.46 -10.39 -25.55
CA ARG C 344 20.76 -11.74 -26.04
C ARG C 344 21.37 -12.62 -24.95
N ALA C 345 22.31 -12.07 -24.20
CA ALA C 345 22.96 -12.82 -23.14
C ALA C 345 21.98 -13.24 -22.06
N MET C 346 21.02 -12.38 -21.77
CA MET C 346 20.04 -12.67 -20.72
C MET C 346 18.97 -13.66 -21.17
N ARG C 347 18.96 -13.93 -22.46
CA ARG C 347 18.00 -14.86 -23.04
C ARG C 347 16.61 -14.25 -23.04
N LEU C 348 16.54 -12.93 -23.17
CA LEU C 348 15.23 -12.30 -23.17
C LEU C 348 14.41 -12.74 -24.36
N PHE C 349 13.16 -13.07 -24.11
CA PHE C 349 12.25 -13.49 -25.16
C PHE C 349 12.42 -12.63 -26.41
N GLY C 350 12.69 -13.28 -27.55
CA GLY C 350 12.83 -12.56 -28.80
C GLY C 350 14.24 -12.18 -29.17
N HIS C 351 15.18 -12.67 -28.37
CA HIS C 351 16.60 -12.39 -28.58
C HIS C 351 17.41 -13.67 -28.48
#